data_332D
# 
_entry.id   332D 
# 
_audit_conform.dict_name       mmcif_pdbx.dic 
_audit_conform.dict_version    5.389 
_audit_conform.dict_location   http://mmcif.pdb.org/dictionaries/ascii/mmcif_pdbx.dic 
# 
loop_
_database_2.database_id 
_database_2.database_code 
_database_2.pdbx_database_accession 
_database_2.pdbx_DOI 
PDB   332D         pdb_0000332d 10.2210/pdb332d/pdb 
RCSB  AHH089       ?            ?                   
WWPDB D_1000178801 ?            ?                   
# 
loop_
_pdbx_audit_revision_history.ordinal 
_pdbx_audit_revision_history.data_content_type 
_pdbx_audit_revision_history.major_revision 
_pdbx_audit_revision_history.minor_revision 
_pdbx_audit_revision_history.revision_date 
1 'Structure model' 1 0 1997-09-23 
2 'Structure model' 1 1 2008-05-22 
3 'Structure model' 1 2 2011-07-13 
4 'Structure model' 1 3 2024-02-21 
5 'Structure model' 1 4 2024-04-03 
# 
_pdbx_audit_revision_details.ordinal             1 
_pdbx_audit_revision_details.revision_ordinal    1 
_pdbx_audit_revision_details.data_content_type   'Structure model' 
_pdbx_audit_revision_details.provider            repository 
_pdbx_audit_revision_details.type                'Initial release' 
_pdbx_audit_revision_details.description         ? 
_pdbx_audit_revision_details.details             ? 
# 
loop_
_pdbx_audit_revision_group.ordinal 
_pdbx_audit_revision_group.revision_ordinal 
_pdbx_audit_revision_group.data_content_type 
_pdbx_audit_revision_group.group 
1 2 'Structure model' 'Version format compliance' 
2 3 'Structure model' 'Version format compliance' 
3 4 'Structure model' 'Data collection'           
4 4 'Structure model' 'Database references'       
5 5 'Structure model' 'Refinement description'    
# 
loop_
_pdbx_audit_revision_category.ordinal 
_pdbx_audit_revision_category.revision_ordinal 
_pdbx_audit_revision_category.data_content_type 
_pdbx_audit_revision_category.category 
1 4 'Structure model' chem_comp_atom                
2 4 'Structure model' chem_comp_bond                
3 4 'Structure model' database_2                    
4 5 'Structure model' pdbx_initial_refinement_model 
# 
loop_
_pdbx_audit_revision_item.ordinal 
_pdbx_audit_revision_item.revision_ordinal 
_pdbx_audit_revision_item.data_content_type 
_pdbx_audit_revision_item.item 
1 4 'Structure model' '_database_2.pdbx_DOI'                
2 4 'Structure model' '_database_2.pdbx_database_accession' 
# 
_pdbx_database_status.status_code                     REL 
_pdbx_database_status.entry_id                        332D 
_pdbx_database_status.recvd_initial_deposition_date   1997-05-14 
_pdbx_database_status.deposit_site                    NDB 
_pdbx_database_status.process_site                    NDB 
_pdbx_database_status.SG_entry                        . 
_pdbx_database_status.pdb_format_compatible           Y 
_pdbx_database_status.status_code_mr                  ? 
_pdbx_database_status.status_code_sf                  ? 
_pdbx_database_status.status_code_cs                  ? 
_pdbx_database_status.status_code_nmr_data            ? 
_pdbx_database_status.methods_development_category    ? 
# 
loop_
_audit_author.name 
_audit_author.pdbx_ordinal 
'Biswas, R.'        1 
'Sundaralingam, M.' 2 
# 
_citation.id                        primary 
_citation.title                     'Crystal structure of r(GUGUGUA)dC with tandem G x U/U x G wobble pairs with strand slippage.' 
_citation.journal_abbrev            J.Mol.Biol. 
_citation.journal_volume            270 
_citation.page_first                511 
_citation.page_last                 519 
_citation.year                      1997 
_citation.journal_id_ASTM           JMOBAK 
_citation.country                   UK 
_citation.journal_id_ISSN           0022-2836 
_citation.journal_id_CSD            0070 
_citation.book_publisher            ? 
_citation.pdbx_database_id_PubMed   9237915 
_citation.pdbx_database_id_DOI      10.1006/jmbi.1997.1118 
# 
loop_
_citation_author.citation_id 
_citation_author.name 
_citation_author.ordinal 
_citation_author.identifier_ORCID 
primary 'Biswas, R.'        1 ? 
primary 'Sundaralingam, M.' 2 ? 
# 
loop_
_entity.id 
_entity.type 
_entity.src_method 
_entity.pdbx_description 
_entity.formula_weight 
_entity.pdbx_number_of_molecules 
_entity.pdbx_ec 
_entity.pdbx_mutation 
_entity.pdbx_fragment 
_entity.details 
1 polymer syn 
;DNA/RNA (5'-R(*GP*UP*GP*UP*GP*UP*AP*)-D(*C)-3')
;
2527.545 2  ? ? ? ? 
2 water   nat water                                             18.015   71 ? ? ? ? 
# 
_entity_poly.entity_id                      1 
_entity_poly.type                           'polydeoxyribonucleotide/polyribonucleotide hybrid' 
_entity_poly.nstd_linkage                   no 
_entity_poly.nstd_monomer                   no 
_entity_poly.pdbx_seq_one_letter_code       'GUGUGUA(DC)' 
_entity_poly.pdbx_seq_one_letter_code_can   GUGUGUAC 
_entity_poly.pdbx_strand_id                 A,B 
_entity_poly.pdbx_target_identifier         ? 
# 
_pdbx_entity_nonpoly.entity_id   2 
_pdbx_entity_nonpoly.name        water 
_pdbx_entity_nonpoly.comp_id     HOH 
# 
loop_
_entity_poly_seq.entity_id 
_entity_poly_seq.num 
_entity_poly_seq.mon_id 
_entity_poly_seq.hetero 
1 1 G  n 
1 2 U  n 
1 3 G  n 
1 4 U  n 
1 5 G  n 
1 6 U  n 
1 7 A  n 
1 8 DC n 
# 
loop_
_chem_comp.id 
_chem_comp.type 
_chem_comp.mon_nstd_flag 
_chem_comp.name 
_chem_comp.pdbx_synonyms 
_chem_comp.formula 
_chem_comp.formula_weight 
A   'RNA linking' y "ADENOSINE-5'-MONOPHOSPHATE"        ? 'C10 H14 N5 O7 P' 347.221 
DC  'DNA linking' y "2'-DEOXYCYTIDINE-5'-MONOPHOSPHATE" ? 'C9 H14 N3 O7 P'  307.197 
G   'RNA linking' y "GUANOSINE-5'-MONOPHOSPHATE"        ? 'C10 H14 N5 O8 P' 363.221 
HOH non-polymer   . WATER                               ? 'H2 O'            18.015  
U   'RNA linking' y "URIDINE-5'-MONOPHOSPHATE"          ? 'C9 H13 N2 O9 P'  324.181 
# 
loop_
_pdbx_poly_seq_scheme.asym_id 
_pdbx_poly_seq_scheme.entity_id 
_pdbx_poly_seq_scheme.seq_id 
_pdbx_poly_seq_scheme.mon_id 
_pdbx_poly_seq_scheme.ndb_seq_num 
_pdbx_poly_seq_scheme.pdb_seq_num 
_pdbx_poly_seq_scheme.auth_seq_num 
_pdbx_poly_seq_scheme.pdb_mon_id 
_pdbx_poly_seq_scheme.auth_mon_id 
_pdbx_poly_seq_scheme.pdb_strand_id 
_pdbx_poly_seq_scheme.pdb_ins_code 
_pdbx_poly_seq_scheme.hetero 
A 1 1 G  1 1  1  G  G A . n 
A 1 2 U  2 2  2  U  U A . n 
A 1 3 G  3 3  3  G  G A . n 
A 1 4 U  4 4  4  U  U A . n 
A 1 5 G  5 5  5  G  G A . n 
A 1 6 U  6 6  6  U  U A . n 
A 1 7 A  7 7  7  A  A A . n 
A 1 8 DC 8 8  8  DC C A . n 
B 1 1 G  1 9  9  G  G B . n 
B 1 2 U  2 10 10 U  U B . n 
B 1 3 G  3 11 11 G  G B . n 
B 1 4 U  4 12 12 U  U B . n 
B 1 5 G  5 13 13 G  G B . n 
B 1 6 U  6 14 14 U  U B . n 
B 1 7 A  7 15 15 A  A B . n 
B 1 8 DC 8 16 16 DC C B . n 
# 
loop_
_pdbx_nonpoly_scheme.asym_id 
_pdbx_nonpoly_scheme.entity_id 
_pdbx_nonpoly_scheme.mon_id 
_pdbx_nonpoly_scheme.ndb_seq_num 
_pdbx_nonpoly_scheme.pdb_seq_num 
_pdbx_nonpoly_scheme.auth_seq_num 
_pdbx_nonpoly_scheme.pdb_mon_id 
_pdbx_nonpoly_scheme.auth_mon_id 
_pdbx_nonpoly_scheme.pdb_strand_id 
_pdbx_nonpoly_scheme.pdb_ins_code 
C 2 HOH 1  18 18 HOH HOH A . 
C 2 HOH 2  19 19 HOH HOH A . 
C 2 HOH 3  20 20 HOH HOH A . 
C 2 HOH 4  21 21 HOH HOH A . 
C 2 HOH 5  24 24 HOH HOH A . 
C 2 HOH 6  27 27 HOH HOH A . 
C 2 HOH 7  30 30 HOH HOH A . 
C 2 HOH 8  33 33 HOH HOH A . 
C 2 HOH 9  34 34 HOH HOH A . 
C 2 HOH 10 35 35 HOH HOH A . 
C 2 HOH 11 37 37 HOH HOH A . 
C 2 HOH 12 38 38 HOH HOH A . 
C 2 HOH 13 39 39 HOH HOH A . 
C 2 HOH 14 40 40 HOH HOH A . 
C 2 HOH 15 41 41 HOH HOH A . 
C 2 HOH 16 43 43 HOH HOH A . 
C 2 HOH 17 44 44 HOH HOH A . 
C 2 HOH 18 46 46 HOH HOH A . 
C 2 HOH 19 48 48 HOH HOH A . 
C 2 HOH 20 49 49 HOH HOH A . 
C 2 HOH 21 51 51 HOH HOH A . 
C 2 HOH 22 52 52 HOH HOH A . 
C 2 HOH 23 53 53 HOH HOH A . 
C 2 HOH 24 57 57 HOH HOH A . 
C 2 HOH 25 62 62 HOH HOH A . 
C 2 HOH 26 63 63 HOH HOH A . 
C 2 HOH 27 64 64 HOH HOH A . 
C 2 HOH 28 65 65 HOH HOH A . 
C 2 HOH 29 66 66 HOH HOH A . 
C 2 HOH 30 70 70 HOH HOH A . 
C 2 HOH 31 78 78 HOH HOH A . 
C 2 HOH 32 79 79 HOH HOH A . 
C 2 HOH 33 80 80 HOH HOH A . 
C 2 HOH 34 81 81 HOH HOH A . 
C 2 HOH 35 82 82 HOH HOH A . 
C 2 HOH 36 83 83 HOH HOH A . 
C 2 HOH 37 84 84 HOH HOH A . 
C 2 HOH 38 85 85 HOH HOH A . 
C 2 HOH 39 86 86 HOH HOH A . 
C 2 HOH 40 87 87 HOH HOH A . 
D 2 HOH 1  17 17 HOH HOH B . 
D 2 HOH 2  22 22 HOH HOH B . 
D 2 HOH 3  23 23 HOH HOH B . 
D 2 HOH 4  25 25 HOH HOH B . 
D 2 HOH 5  26 26 HOH HOH B . 
D 2 HOH 6  28 28 HOH HOH B . 
D 2 HOH 7  29 29 HOH HOH B . 
D 2 HOH 8  31 31 HOH HOH B . 
D 2 HOH 9  32 32 HOH HOH B . 
D 2 HOH 10 36 36 HOH HOH B . 
D 2 HOH 11 42 42 HOH HOH B . 
D 2 HOH 12 45 45 HOH HOH B . 
D 2 HOH 13 47 47 HOH HOH B . 
D 2 HOH 14 50 50 HOH HOH B . 
D 2 HOH 15 54 54 HOH HOH B . 
D 2 HOH 16 55 55 HOH HOH B . 
D 2 HOH 17 56 56 HOH HOH B . 
D 2 HOH 18 58 58 HOH HOH B . 
D 2 HOH 19 59 59 HOH HOH B . 
D 2 HOH 20 60 60 HOH HOH B . 
D 2 HOH 21 61 61 HOH HOH B . 
D 2 HOH 22 67 67 HOH HOH B . 
D 2 HOH 23 68 68 HOH HOH B . 
D 2 HOH 24 69 69 HOH HOH B . 
D 2 HOH 25 71 71 HOH HOH B . 
D 2 HOH 26 72 72 HOH HOH B . 
D 2 HOH 27 73 73 HOH HOH B . 
D 2 HOH 28 74 74 HOH HOH B . 
D 2 HOH 29 75 75 HOH HOH B . 
D 2 HOH 30 76 76 HOH HOH B . 
D 2 HOH 31 77 77 HOH HOH B . 
# 
loop_
_software.name 
_software.classification 
_software.version 
_software.citation_id 
_software.pdbx_ordinal 
X-PLOR refinement       3.0      ? 1 
XENGEN 'data reduction' 'V. 2.0' ? 2 
# 
_cell.entry_id           332D 
_cell.length_a           40.820 
_cell.length_b           40.820 
_cell.length_c           66.090 
_cell.angle_alpha        90.00 
_cell.angle_beta         90.00 
_cell.angle_gamma        120.00 
_cell.Z_PDB              18 
_cell.pdbx_unique_axis   ? 
# 
_symmetry.entry_id                         332D 
_symmetry.space_group_name_H-M             'H 3' 
_symmetry.pdbx_full_space_group_name_H-M   ? 
_symmetry.cell_setting                     ? 
_symmetry.Int_Tables_number                146 
# 
_exptl.entry_id          332D 
_exptl.method            'X-RAY DIFFRACTION' 
_exptl.crystals_number   ? 
# 
_exptl_crystal.id                    1 
_exptl_crystal.density_meas          ? 
_exptl_crystal.density_Matthews      2.10 
_exptl_crystal.density_percent_sol   41.32 
_exptl_crystal.description           ? 
# 
_exptl_crystal_grow.crystal_id      1 
_exptl_crystal_grow.method          'VAPOR DIFFUSION, HANGING DROP' 
_exptl_crystal_grow.temp            291.00 
_exptl_crystal_grow.temp_details    ? 
_exptl_crystal_grow.pH              7.00 
_exptl_crystal_grow.pdbx_details    'pH 7.00, VAPOR DIFFUSION, HANGING DROP, temperature 291.00K' 
_exptl_crystal_grow.pdbx_pH_range   ? 
# 
loop_
_exptl_crystal_grow_comp.crystal_id 
_exptl_crystal_grow_comp.id 
_exptl_crystal_grow_comp.sol_id 
_exptl_crystal_grow_comp.name 
_exptl_crystal_grow_comp.volume 
_exptl_crystal_grow_comp.conc 
_exptl_crystal_grow_comp.details 
1 1 1 WATER           ? ? ? 
1 2 1 MPD             ? ? ? 
1 3 1 'NA CACODYLATE' ? ? ? 
1 4 1 '[CO(NH3)6]3+'  ? ? ? 
1 5 2 WATER           ? ? ? 
1 6 2 MPD             ? ? ? 
# 
_diffrn.id                     1 
_diffrn.ambient_temp           295.00 
_diffrn.ambient_temp_details   ? 
_diffrn.crystal_id             1 
# 
_diffrn_detector.diffrn_id              1 
_diffrn_detector.detector               'AREA DETECTOR' 
_diffrn_detector.type                   SIEMENS 
_diffrn_detector.pdbx_collection_date   ? 
_diffrn_detector.details                ? 
# 
_diffrn_radiation.diffrn_id                        1 
_diffrn_radiation.wavelength_id                    1 
_diffrn_radiation.pdbx_monochromatic_or_laue_m_l   M 
_diffrn_radiation.monochromator                    GRAPHITE 
_diffrn_radiation.pdbx_diffrn_protocol             ? 
_diffrn_radiation.pdbx_scattering_type             x-ray 
# 
_diffrn_radiation_wavelength.id           1 
_diffrn_radiation_wavelength.wavelength   . 
_diffrn_radiation_wavelength.wt           1.0 
# 
_diffrn_source.diffrn_id                   1 
_diffrn_source.source                      'ROTATING ANODE' 
_diffrn_source.type                        MACSCIENCE 
_diffrn_source.pdbx_synchrotron_site       ? 
_diffrn_source.pdbx_synchrotron_beamline   ? 
_diffrn_source.pdbx_wavelength             ? 
_diffrn_source.pdbx_wavelength_list        ? 
# 
_reflns.entry_id                     332D 
_reflns.observed_criterion_sigma_I   ? 
_reflns.observed_criterion_sigma_F   ? 
_reflns.d_resolution_low             ? 
_reflns.d_resolution_high            ? 
_reflns.number_obs                   ? 
_reflns.number_all                   ? 
_reflns.percent_possible_obs         ? 
_reflns.pdbx_Rmerge_I_obs            ? 
_reflns.pdbx_Rsym_value              0.0468000 
_reflns.pdbx_netI_over_sigmaI        ? 
_reflns.B_iso_Wilson_estimate        ? 
_reflns.pdbx_redundancy              ? 
_reflns.pdbx_diffrn_id               1 
_reflns.pdbx_ordinal                 1 
# 
_refine.entry_id                                 332D 
_refine.ls_number_reflns_obs                     4314 
_refine.ls_number_reflns_all                     ? 
_refine.pdbx_ls_sigma_I                          ? 
_refine.pdbx_ls_sigma_F                          1.500 
_refine.pdbx_data_cutoff_high_absF               ? 
_refine.pdbx_data_cutoff_low_absF                ? 
_refine.pdbx_data_cutoff_high_rms_absF           ? 
_refine.ls_d_res_low                             8.000 
_refine.ls_d_res_high                            1.580 
_refine.ls_percent_reflns_obs                    ? 
_refine.ls_R_factor_obs                          0.2120000 
_refine.ls_R_factor_all                          ? 
_refine.ls_R_factor_R_work                       0.2120000 
_refine.ls_R_factor_R_free                       0.2770000 
_refine.ls_R_factor_R_free_error                 ? 
_refine.ls_R_factor_R_free_error_details         ? 
_refine.ls_percent_reflns_R_free                 ? 
_refine.ls_number_reflns_R_free                  ? 
_refine.ls_number_parameters                     ? 
_refine.ls_number_restraints                     ? 
_refine.occupancy_min                            ? 
_refine.occupancy_max                            ? 
_refine.B_iso_mean                               ? 
_refine.aniso_B[1][1]                            ? 
_refine.aniso_B[2][2]                            ? 
_refine.aniso_B[3][3]                            ? 
_refine.aniso_B[1][2]                            ? 
_refine.aniso_B[1][3]                            ? 
_refine.aniso_B[2][3]                            ? 
_refine.solvent_model_details                    ? 
_refine.solvent_model_param_ksol                 ? 
_refine.solvent_model_param_bsol                 ? 
_refine.pdbx_ls_cross_valid_method               ? 
_refine.details                                  ? 
_refine.pdbx_starting_model                      AHH077 
_refine.pdbx_method_to_determine_struct          'MOLECULAR REPLACEMENT' 
_refine.pdbx_isotropic_thermal_model             ? 
_refine.pdbx_stereochemistry_target_values       ? 
_refine.pdbx_stereochem_target_val_spec_case     ? 
_refine.pdbx_R_Free_selection_details            ? 
_refine.pdbx_overall_ESU_R                       ? 
_refine.pdbx_overall_ESU_R_Free                  ? 
_refine.overall_SU_ML                            ? 
_refine.overall_SU_B                             ? 
_refine.pdbx_refine_id                           'X-RAY DIFFRACTION' 
_refine.pdbx_diffrn_id                           1 
_refine.pdbx_TLS_residual_ADP_flag               ? 
_refine.correlation_coeff_Fo_to_Fc               ? 
_refine.correlation_coeff_Fo_to_Fc_free          ? 
_refine.pdbx_solvent_vdw_probe_radii             ? 
_refine.pdbx_solvent_ion_probe_radii             ? 
_refine.pdbx_solvent_shrinkage_radii             ? 
_refine.pdbx_overall_phase_error                 ? 
_refine.overall_SU_R_Cruickshank_DPI             ? 
_refine.pdbx_overall_SU_R_free_Cruickshank_DPI   ? 
_refine.pdbx_overall_SU_R_Blow_DPI               ? 
_refine.pdbx_overall_SU_R_free_Blow_DPI          ? 
# 
_refine_hist.pdbx_refine_id                   'X-RAY DIFFRACTION' 
_refine_hist.cycle_id                         LAST 
_refine_hist.pdbx_number_atoms_protein        0 
_refine_hist.pdbx_number_atoms_nucleic_acid   334 
_refine_hist.pdbx_number_atoms_ligand         0 
_refine_hist.number_atoms_solvent             71 
_refine_hist.number_atoms_total               405 
_refine_hist.d_res_high                       1.580 
_refine_hist.d_res_low                        8.000 
# 
loop_
_refine_ls_restr.type 
_refine_ls_restr.dev_ideal 
_refine_ls_restr.dev_ideal_target 
_refine_ls_restr.weight 
_refine_ls_restr.number 
_refine_ls_restr.pdbx_refine_id 
_refine_ls_restr.pdbx_restraint_function 
x_bond_d                0.007 ? ? ? 'X-RAY DIFFRACTION' ? 
x_bond_d_na             ?     ? ? ? 'X-RAY DIFFRACTION' ? 
x_bond_d_prot           ?     ? ? ? 'X-RAY DIFFRACTION' ? 
x_angle_d               ?     ? ? ? 'X-RAY DIFFRACTION' ? 
x_angle_d_na            ?     ? ? ? 'X-RAY DIFFRACTION' ? 
x_angle_d_prot          ?     ? ? ? 'X-RAY DIFFRACTION' ? 
x_angle_deg             1.40  ? ? ? 'X-RAY DIFFRACTION' ? 
x_angle_deg_na          ?     ? ? ? 'X-RAY DIFFRACTION' ? 
x_angle_deg_prot        ?     ? ? ? 'X-RAY DIFFRACTION' ? 
x_dihedral_angle_d      ?     ? ? ? 'X-RAY DIFFRACTION' ? 
x_dihedral_angle_d_na   ?     ? ? ? 'X-RAY DIFFRACTION' ? 
x_dihedral_angle_d_prot ?     ? ? ? 'X-RAY DIFFRACTION' ? 
x_improper_angle_d      ?     ? ? ? 'X-RAY DIFFRACTION' ? 
x_improper_angle_d_na   ?     ? ? ? 'X-RAY DIFFRACTION' ? 
x_improper_angle_d_prot ?     ? ? ? 'X-RAY DIFFRACTION' ? 
x_mcbond_it             ?     ? ? ? 'X-RAY DIFFRACTION' ? 
x_mcangle_it            ?     ? ? ? 'X-RAY DIFFRACTION' ? 
x_scbond_it             ?     ? ? ? 'X-RAY DIFFRACTION' ? 
x_scangle_it            ?     ? ? ? 'X-RAY DIFFRACTION' ? 
# 
_refine_ls_shell.pdbx_total_number_of_bins_used   ? 
_refine_ls_shell.d_res_high                       1.38 
_refine_ls_shell.d_res_low                        1.58 
_refine_ls_shell.number_reflns_R_work             ? 
_refine_ls_shell.R_factor_R_work                  ? 
_refine_ls_shell.percent_reflns_obs               ? 
_refine_ls_shell.R_factor_R_free                  ? 
_refine_ls_shell.R_factor_R_free_error            ? 
_refine_ls_shell.percent_reflns_R_free            ? 
_refine_ls_shell.number_reflns_R_free             ? 
_refine_ls_shell.pdbx_refine_id                   'X-RAY DIFFRACTION' 
_refine_ls_shell.number_reflns_all                ? 
_refine_ls_shell.R_factor_all                     ? 
# 
_pdbx_xplor_file.serial_no        1 
_pdbx_xplor_file.param_file       PARAM_ND.DNA 
_pdbx_xplor_file.topol_file       TOPOLOGY.DNA 
_pdbx_xplor_file.pdbx_refine_id   'X-RAY DIFFRACTION' 
# 
_struct.entry_id                  332D 
_struct.title                     'CRYSTAL STRUCTURE OF R(GUGUGUA)D(C) WITH TANDEM G-U/U-G WOBBLE PAIRS WITH STRAND SLIPPAGE' 
_struct.pdbx_model_details        ? 
_struct.pdbx_CASP_flag            ? 
_struct.pdbx_model_type_details   ? 
# 
_struct_keywords.entry_id        332D 
_struct_keywords.pdbx_keywords   DNA/RNA 
_struct_keywords.text            'A-DNA/RNA, DOUBLE HELIX, OVERHANGING BASE, DNA-RNA complex' 
# 
loop_
_struct_asym.id 
_struct_asym.pdbx_blank_PDB_chainid_flag 
_struct_asym.pdbx_modified 
_struct_asym.entity_id 
_struct_asym.details 
A N N 1 ? 
B N N 1 ? 
C N N 2 ? 
D N N 2 ? 
# 
_struct_ref.id                         1 
_struct_ref.entity_id                  1 
_struct_ref.db_name                    PDB 
_struct_ref.db_code                    332D 
_struct_ref.pdbx_db_accession          332D 
_struct_ref.pdbx_db_isoform            ? 
_struct_ref.pdbx_seq_one_letter_code   ? 
_struct_ref.pdbx_align_begin           ? 
# 
loop_
_struct_ref_seq.align_id 
_struct_ref_seq.ref_id 
_struct_ref_seq.pdbx_PDB_id_code 
_struct_ref_seq.pdbx_strand_id 
_struct_ref_seq.seq_align_beg 
_struct_ref_seq.pdbx_seq_align_beg_ins_code 
_struct_ref_seq.seq_align_end 
_struct_ref_seq.pdbx_seq_align_end_ins_code 
_struct_ref_seq.pdbx_db_accession 
_struct_ref_seq.db_align_beg 
_struct_ref_seq.pdbx_db_align_beg_ins_code 
_struct_ref_seq.db_align_end 
_struct_ref_seq.pdbx_db_align_end_ins_code 
_struct_ref_seq.pdbx_auth_seq_align_beg 
_struct_ref_seq.pdbx_auth_seq_align_end 
1 1 332D A 1 ? 8 ? 332D 1 ? 8  ? 1 8  
2 1 332D B 1 ? 8 ? 332D 9 ? 16 ? 9 16 
# 
_pdbx_struct_assembly.id                   1 
_pdbx_struct_assembly.details              author_defined_assembly 
_pdbx_struct_assembly.method_details       ? 
_pdbx_struct_assembly.oligomeric_details   dimeric 
_pdbx_struct_assembly.oligomeric_count     2 
# 
_pdbx_struct_assembly_gen.assembly_id       1 
_pdbx_struct_assembly_gen.oper_expression   1 
_pdbx_struct_assembly_gen.asym_id_list      A,B,C,D 
# 
_pdbx_struct_oper_list.id                   1 
_pdbx_struct_oper_list.type                 'identity operation' 
_pdbx_struct_oper_list.name                 1_555 
_pdbx_struct_oper_list.symmetry_operation   x,y,z 
_pdbx_struct_oper_list.matrix[1][1]         1.0000000000 
_pdbx_struct_oper_list.matrix[1][2]         0.0000000000 
_pdbx_struct_oper_list.matrix[1][3]         0.0000000000 
_pdbx_struct_oper_list.vector[1]            0.0000000000 
_pdbx_struct_oper_list.matrix[2][1]         0.0000000000 
_pdbx_struct_oper_list.matrix[2][2]         1.0000000000 
_pdbx_struct_oper_list.matrix[2][3]         0.0000000000 
_pdbx_struct_oper_list.vector[2]            0.0000000000 
_pdbx_struct_oper_list.matrix[3][1]         0.0000000000 
_pdbx_struct_oper_list.matrix[3][2]         0.0000000000 
_pdbx_struct_oper_list.matrix[3][3]         1.0000000000 
_pdbx_struct_oper_list.vector[3]            0.0000000000 
# 
_struct_biol.id   1 
# 
loop_
_struct_conn.id 
_struct_conn.conn_type_id 
_struct_conn.pdbx_leaving_atom_flag 
_struct_conn.pdbx_PDB_id 
_struct_conn.ptnr1_label_asym_id 
_struct_conn.ptnr1_label_comp_id 
_struct_conn.ptnr1_label_seq_id 
_struct_conn.ptnr1_label_atom_id 
_struct_conn.pdbx_ptnr1_label_alt_id 
_struct_conn.pdbx_ptnr1_PDB_ins_code 
_struct_conn.pdbx_ptnr1_standard_comp_id 
_struct_conn.ptnr1_symmetry 
_struct_conn.ptnr2_label_asym_id 
_struct_conn.ptnr2_label_comp_id 
_struct_conn.ptnr2_label_seq_id 
_struct_conn.ptnr2_label_atom_id 
_struct_conn.pdbx_ptnr2_label_alt_id 
_struct_conn.pdbx_ptnr2_PDB_ins_code 
_struct_conn.ptnr1_auth_asym_id 
_struct_conn.ptnr1_auth_comp_id 
_struct_conn.ptnr1_auth_seq_id 
_struct_conn.ptnr2_auth_asym_id 
_struct_conn.ptnr2_auth_comp_id 
_struct_conn.ptnr2_auth_seq_id 
_struct_conn.ptnr2_symmetry 
_struct_conn.pdbx_ptnr3_label_atom_id 
_struct_conn.pdbx_ptnr3_label_seq_id 
_struct_conn.pdbx_ptnr3_label_comp_id 
_struct_conn.pdbx_ptnr3_label_asym_id 
_struct_conn.pdbx_ptnr3_label_alt_id 
_struct_conn.pdbx_ptnr3_PDB_ins_code 
_struct_conn.details 
_struct_conn.pdbx_dist_value 
_struct_conn.pdbx_value_order 
_struct_conn.pdbx_role 
hydrog1  hydrog ? ? A G  3 N1 ? ? ? 1_555 B DC 8 N3 ? ? A G  3 B DC 16 1_555 ? ? ? ? ? ? WATSON-CRICK ? ? ? 
hydrog2  hydrog ? ? A G  3 N2 ? ? ? 1_555 B DC 8 O2 ? ? A G  3 B DC 16 1_555 ? ? ? ? ? ? WATSON-CRICK ? ? ? 
hydrog3  hydrog ? ? A G  3 O6 ? ? ? 1_555 B DC 8 N4 ? ? A G  3 B DC 16 1_555 ? ? ? ? ? ? WATSON-CRICK ? ? ? 
hydrog4  hydrog ? ? A U  4 N3 ? ? ? 1_555 B A  7 N1 ? ? A U  4 B A  15 1_555 ? ? ? ? ? ? WATSON-CRICK ? ? ? 
hydrog5  hydrog ? ? A U  4 O4 ? ? ? 1_555 B A  7 N6 ? ? A U  4 B A  15 1_555 ? ? ? ? ? ? WATSON-CRICK ? ? ? 
hydrog6  hydrog ? ? A G  5 N1 ? ? ? 1_555 B U  6 O2 ? ? A G  5 B U  14 1_555 ? ? ? ? ? ? TYPE_28_PAIR ? ? ? 
hydrog7  hydrog ? ? A G  5 O6 ? ? ? 1_555 B U  6 N3 ? ? A G  5 B U  14 1_555 ? ? ? ? ? ? TYPE_28_PAIR ? ? ? 
hydrog8  hydrog ? ? A U  6 N3 ? ? ? 1_555 B G  5 O6 ? ? A U  6 B G  13 1_555 ? ? ? ? ? ? TYPE_28_PAIR ? ? ? 
hydrog9  hydrog ? ? A U  6 O2 ? ? ? 1_555 B G  5 N1 ? ? A U  6 B G  13 1_555 ? ? ? ? ? ? TYPE_28_PAIR ? ? ? 
hydrog10 hydrog ? ? A A  7 N1 ? ? ? 1_555 B U  4 N3 ? ? A A  7 B U  12 1_555 ? ? ? ? ? ? WATSON-CRICK ? ? ? 
hydrog11 hydrog ? ? A A  7 N6 ? ? ? 1_555 B U  4 O4 ? ? A A  7 B U  12 1_555 ? ? ? ? ? ? WATSON-CRICK ? ? ? 
hydrog12 hydrog ? ? A DC 8 N3 ? ? ? 1_555 B G  3 N1 ? ? A DC 8 B G  11 1_555 ? ? ? ? ? ? WATSON-CRICK ? ? ? 
hydrog13 hydrog ? ? A DC 8 N4 ? ? ? 1_555 B G  3 O6 ? ? A DC 8 B G  11 1_555 ? ? ? ? ? ? WATSON-CRICK ? ? ? 
hydrog14 hydrog ? ? A DC 8 O2 ? ? ? 1_555 B G  3 N2 ? ? A DC 8 B G  11 1_555 ? ? ? ? ? ? WATSON-CRICK ? ? ? 
# 
_struct_conn_type.id          hydrog 
_struct_conn_type.criteria    ? 
_struct_conn_type.reference   ? 
# 
_pdbx_validate_close_contact.id               1 
_pdbx_validate_close_contact.PDB_model_num    1 
_pdbx_validate_close_contact.auth_atom_id_1   O 
_pdbx_validate_close_contact.auth_asym_id_1   A 
_pdbx_validate_close_contact.auth_comp_id_1   HOH 
_pdbx_validate_close_contact.auth_seq_id_1    57 
_pdbx_validate_close_contact.PDB_ins_code_1   ? 
_pdbx_validate_close_contact.label_alt_id_1   ? 
_pdbx_validate_close_contact.auth_atom_id_2   O 
_pdbx_validate_close_contact.auth_asym_id_2   B 
_pdbx_validate_close_contact.auth_comp_id_2   HOH 
_pdbx_validate_close_contact.auth_seq_id_2    47 
_pdbx_validate_close_contact.PDB_ins_code_2   ? 
_pdbx_validate_close_contact.label_alt_id_2   ? 
_pdbx_validate_close_contact.dist             2.16 
# 
_pdbx_validate_symm_contact.id                1 
_pdbx_validate_symm_contact.PDB_model_num     1 
_pdbx_validate_symm_contact.auth_atom_id_1    "O2'" 
_pdbx_validate_symm_contact.auth_asym_id_1    A 
_pdbx_validate_symm_contact.auth_comp_id_1    U 
_pdbx_validate_symm_contact.auth_seq_id_1     6 
_pdbx_validate_symm_contact.PDB_ins_code_1    ? 
_pdbx_validate_symm_contact.label_alt_id_1    ? 
_pdbx_validate_symm_contact.site_symmetry_1   1_555 
_pdbx_validate_symm_contact.auth_atom_id_2    O 
_pdbx_validate_symm_contact.auth_asym_id_2    A 
_pdbx_validate_symm_contact.auth_comp_id_2    HOH 
_pdbx_validate_symm_contact.auth_seq_id_2     86 
_pdbx_validate_symm_contact.PDB_ins_code_2    ? 
_pdbx_validate_symm_contact.label_alt_id_2    ? 
_pdbx_validate_symm_contact.site_symmetry_2   2_655 
_pdbx_validate_symm_contact.dist              2.19 
# 
_pdbx_validate_rmsd_angle.id                         1 
_pdbx_validate_rmsd_angle.PDB_model_num              1 
_pdbx_validate_rmsd_angle.auth_atom_id_1             "C4'" 
_pdbx_validate_rmsd_angle.auth_asym_id_1             B 
_pdbx_validate_rmsd_angle.auth_comp_id_1             DC 
_pdbx_validate_rmsd_angle.auth_seq_id_1              16 
_pdbx_validate_rmsd_angle.PDB_ins_code_1             ? 
_pdbx_validate_rmsd_angle.label_alt_id_1             ? 
_pdbx_validate_rmsd_angle.auth_atom_id_2             "C3'" 
_pdbx_validate_rmsd_angle.auth_asym_id_2             B 
_pdbx_validate_rmsd_angle.auth_comp_id_2             DC 
_pdbx_validate_rmsd_angle.auth_seq_id_2              16 
_pdbx_validate_rmsd_angle.PDB_ins_code_2             ? 
_pdbx_validate_rmsd_angle.label_alt_id_2             ? 
_pdbx_validate_rmsd_angle.auth_atom_id_3             "O3'" 
_pdbx_validate_rmsd_angle.auth_asym_id_3             B 
_pdbx_validate_rmsd_angle.auth_comp_id_3             DC 
_pdbx_validate_rmsd_angle.auth_seq_id_3              16 
_pdbx_validate_rmsd_angle.PDB_ins_code_3             ? 
_pdbx_validate_rmsd_angle.label_alt_id_3             ? 
_pdbx_validate_rmsd_angle.angle_value                124.73 
_pdbx_validate_rmsd_angle.angle_target_value         112.30 
_pdbx_validate_rmsd_angle.angle_deviation            12.43 
_pdbx_validate_rmsd_angle.angle_standard_deviation   2.00 
_pdbx_validate_rmsd_angle.linker_flag                N 
# 
loop_
_pdbx_struct_special_symmetry.id 
_pdbx_struct_special_symmetry.PDB_model_num 
_pdbx_struct_special_symmetry.auth_asym_id 
_pdbx_struct_special_symmetry.auth_comp_id 
_pdbx_struct_special_symmetry.auth_seq_id 
_pdbx_struct_special_symmetry.PDB_ins_code 
_pdbx_struct_special_symmetry.label_asym_id 
_pdbx_struct_special_symmetry.label_comp_id 
_pdbx_struct_special_symmetry.label_seq_id 
1 1 B HOH 22 ? D HOH . 
2 1 B HOH 31 ? D HOH . 
3 1 B HOH 45 ? D HOH . 
4 1 B HOH 75 ? D HOH . 
# 
loop_
_refine_B_iso.class 
_refine_B_iso.details 
_refine_B_iso.treatment 
_refine_B_iso.pdbx_refine_id 
'ALL ATOMS'  TR isotropic 'X-RAY DIFFRACTION' 
'ALL WATERS' TR isotropic 'X-RAY DIFFRACTION' 
# 
loop_
_refine_occupancy.class 
_refine_occupancy.treatment 
_refine_occupancy.pdbx_refine_id 
'ALL ATOMS'  fix 'X-RAY DIFFRACTION' 
'ALL WATERS' fix 'X-RAY DIFFRACTION' 
# 
loop_
_chem_comp_atom.comp_id 
_chem_comp_atom.atom_id 
_chem_comp_atom.type_symbol 
_chem_comp_atom.pdbx_aromatic_flag 
_chem_comp_atom.pdbx_stereo_config 
_chem_comp_atom.pdbx_ordinal 
A   OP3    O N N 1   
A   P      P N N 2   
A   OP1    O N N 3   
A   OP2    O N N 4   
A   "O5'"  O N N 5   
A   "C5'"  C N N 6   
A   "C4'"  C N R 7   
A   "O4'"  O N N 8   
A   "C3'"  C N S 9   
A   "O3'"  O N N 10  
A   "C2'"  C N R 11  
A   "O2'"  O N N 12  
A   "C1'"  C N R 13  
A   N9     N Y N 14  
A   C8     C Y N 15  
A   N7     N Y N 16  
A   C5     C Y N 17  
A   C6     C Y N 18  
A   N6     N N N 19  
A   N1     N Y N 20  
A   C2     C Y N 21  
A   N3     N Y N 22  
A   C4     C Y N 23  
A   HOP3   H N N 24  
A   HOP2   H N N 25  
A   "H5'"  H N N 26  
A   "H5''" H N N 27  
A   "H4'"  H N N 28  
A   "H3'"  H N N 29  
A   "HO3'" H N N 30  
A   "H2'"  H N N 31  
A   "HO2'" H N N 32  
A   "H1'"  H N N 33  
A   H8     H N N 34  
A   H61    H N N 35  
A   H62    H N N 36  
A   H2     H N N 37  
DC  OP3    O N N 38  
DC  P      P N N 39  
DC  OP1    O N N 40  
DC  OP2    O N N 41  
DC  "O5'"  O N N 42  
DC  "C5'"  C N N 43  
DC  "C4'"  C N R 44  
DC  "O4'"  O N N 45  
DC  "C3'"  C N S 46  
DC  "O3'"  O N N 47  
DC  "C2'"  C N N 48  
DC  "C1'"  C N R 49  
DC  N1     N N N 50  
DC  C2     C N N 51  
DC  O2     O N N 52  
DC  N3     N N N 53  
DC  C4     C N N 54  
DC  N4     N N N 55  
DC  C5     C N N 56  
DC  C6     C N N 57  
DC  HOP3   H N N 58  
DC  HOP2   H N N 59  
DC  "H5'"  H N N 60  
DC  "H5''" H N N 61  
DC  "H4'"  H N N 62  
DC  "H3'"  H N N 63  
DC  "HO3'" H N N 64  
DC  "H2'"  H N N 65  
DC  "H2''" H N N 66  
DC  "H1'"  H N N 67  
DC  H41    H N N 68  
DC  H42    H N N 69  
DC  H5     H N N 70  
DC  H6     H N N 71  
G   OP3    O N N 72  
G   P      P N N 73  
G   OP1    O N N 74  
G   OP2    O N N 75  
G   "O5'"  O N N 76  
G   "C5'"  C N N 77  
G   "C4'"  C N R 78  
G   "O4'"  O N N 79  
G   "C3'"  C N S 80  
G   "O3'"  O N N 81  
G   "C2'"  C N R 82  
G   "O2'"  O N N 83  
G   "C1'"  C N R 84  
G   N9     N Y N 85  
G   C8     C Y N 86  
G   N7     N Y N 87  
G   C5     C Y N 88  
G   C6     C N N 89  
G   O6     O N N 90  
G   N1     N N N 91  
G   C2     C N N 92  
G   N2     N N N 93  
G   N3     N N N 94  
G   C4     C Y N 95  
G   HOP3   H N N 96  
G   HOP2   H N N 97  
G   "H5'"  H N N 98  
G   "H5''" H N N 99  
G   "H4'"  H N N 100 
G   "H3'"  H N N 101 
G   "HO3'" H N N 102 
G   "H2'"  H N N 103 
G   "HO2'" H N N 104 
G   "H1'"  H N N 105 
G   H8     H N N 106 
G   H1     H N N 107 
G   H21    H N N 108 
G   H22    H N N 109 
HOH O      O N N 110 
HOH H1     H N N 111 
HOH H2     H N N 112 
U   OP3    O N N 113 
U   P      P N N 114 
U   OP1    O N N 115 
U   OP2    O N N 116 
U   "O5'"  O N N 117 
U   "C5'"  C N N 118 
U   "C4'"  C N R 119 
U   "O4'"  O N N 120 
U   "C3'"  C N S 121 
U   "O3'"  O N N 122 
U   "C2'"  C N R 123 
U   "O2'"  O N N 124 
U   "C1'"  C N R 125 
U   N1     N N N 126 
U   C2     C N N 127 
U   O2     O N N 128 
U   N3     N N N 129 
U   C4     C N N 130 
U   O4     O N N 131 
U   C5     C N N 132 
U   C6     C N N 133 
U   HOP3   H N N 134 
U   HOP2   H N N 135 
U   "H5'"  H N N 136 
U   "H5''" H N N 137 
U   "H4'"  H N N 138 
U   "H3'"  H N N 139 
U   "HO3'" H N N 140 
U   "H2'"  H N N 141 
U   "HO2'" H N N 142 
U   "H1'"  H N N 143 
U   H3     H N N 144 
U   H5     H N N 145 
U   H6     H N N 146 
# 
loop_
_chem_comp_bond.comp_id 
_chem_comp_bond.atom_id_1 
_chem_comp_bond.atom_id_2 
_chem_comp_bond.value_order 
_chem_comp_bond.pdbx_aromatic_flag 
_chem_comp_bond.pdbx_stereo_config 
_chem_comp_bond.pdbx_ordinal 
A   OP3   P      sing N N 1   
A   OP3   HOP3   sing N N 2   
A   P     OP1    doub N N 3   
A   P     OP2    sing N N 4   
A   P     "O5'"  sing N N 5   
A   OP2   HOP2   sing N N 6   
A   "O5'" "C5'"  sing N N 7   
A   "C5'" "C4'"  sing N N 8   
A   "C5'" "H5'"  sing N N 9   
A   "C5'" "H5''" sing N N 10  
A   "C4'" "O4'"  sing N N 11  
A   "C4'" "C3'"  sing N N 12  
A   "C4'" "H4'"  sing N N 13  
A   "O4'" "C1'"  sing N N 14  
A   "C3'" "O3'"  sing N N 15  
A   "C3'" "C2'"  sing N N 16  
A   "C3'" "H3'"  sing N N 17  
A   "O3'" "HO3'" sing N N 18  
A   "C2'" "O2'"  sing N N 19  
A   "C2'" "C1'"  sing N N 20  
A   "C2'" "H2'"  sing N N 21  
A   "O2'" "HO2'" sing N N 22  
A   "C1'" N9     sing N N 23  
A   "C1'" "H1'"  sing N N 24  
A   N9    C8     sing Y N 25  
A   N9    C4     sing Y N 26  
A   C8    N7     doub Y N 27  
A   C8    H8     sing N N 28  
A   N7    C5     sing Y N 29  
A   C5    C6     sing Y N 30  
A   C5    C4     doub Y N 31  
A   C6    N6     sing N N 32  
A   C6    N1     doub Y N 33  
A   N6    H61    sing N N 34  
A   N6    H62    sing N N 35  
A   N1    C2     sing Y N 36  
A   C2    N3     doub Y N 37  
A   C2    H2     sing N N 38  
A   N3    C4     sing Y N 39  
DC  OP3   P      sing N N 40  
DC  OP3   HOP3   sing N N 41  
DC  P     OP1    doub N N 42  
DC  P     OP2    sing N N 43  
DC  P     "O5'"  sing N N 44  
DC  OP2   HOP2   sing N N 45  
DC  "O5'" "C5'"  sing N N 46  
DC  "C5'" "C4'"  sing N N 47  
DC  "C5'" "H5'"  sing N N 48  
DC  "C5'" "H5''" sing N N 49  
DC  "C4'" "O4'"  sing N N 50  
DC  "C4'" "C3'"  sing N N 51  
DC  "C4'" "H4'"  sing N N 52  
DC  "O4'" "C1'"  sing N N 53  
DC  "C3'" "O3'"  sing N N 54  
DC  "C3'" "C2'"  sing N N 55  
DC  "C3'" "H3'"  sing N N 56  
DC  "O3'" "HO3'" sing N N 57  
DC  "C2'" "C1'"  sing N N 58  
DC  "C2'" "H2'"  sing N N 59  
DC  "C2'" "H2''" sing N N 60  
DC  "C1'" N1     sing N N 61  
DC  "C1'" "H1'"  sing N N 62  
DC  N1    C2     sing N N 63  
DC  N1    C6     sing N N 64  
DC  C2    O2     doub N N 65  
DC  C2    N3     sing N N 66  
DC  N3    C4     doub N N 67  
DC  C4    N4     sing N N 68  
DC  C4    C5     sing N N 69  
DC  N4    H41    sing N N 70  
DC  N4    H42    sing N N 71  
DC  C5    C6     doub N N 72  
DC  C5    H5     sing N N 73  
DC  C6    H6     sing N N 74  
G   OP3   P      sing N N 75  
G   OP3   HOP3   sing N N 76  
G   P     OP1    doub N N 77  
G   P     OP2    sing N N 78  
G   P     "O5'"  sing N N 79  
G   OP2   HOP2   sing N N 80  
G   "O5'" "C5'"  sing N N 81  
G   "C5'" "C4'"  sing N N 82  
G   "C5'" "H5'"  sing N N 83  
G   "C5'" "H5''" sing N N 84  
G   "C4'" "O4'"  sing N N 85  
G   "C4'" "C3'"  sing N N 86  
G   "C4'" "H4'"  sing N N 87  
G   "O4'" "C1'"  sing N N 88  
G   "C3'" "O3'"  sing N N 89  
G   "C3'" "C2'"  sing N N 90  
G   "C3'" "H3'"  sing N N 91  
G   "O3'" "HO3'" sing N N 92  
G   "C2'" "O2'"  sing N N 93  
G   "C2'" "C1'"  sing N N 94  
G   "C2'" "H2'"  sing N N 95  
G   "O2'" "HO2'" sing N N 96  
G   "C1'" N9     sing N N 97  
G   "C1'" "H1'"  sing N N 98  
G   N9    C8     sing Y N 99  
G   N9    C4     sing Y N 100 
G   C8    N7     doub Y N 101 
G   C8    H8     sing N N 102 
G   N7    C5     sing Y N 103 
G   C5    C6     sing N N 104 
G   C5    C4     doub Y N 105 
G   C6    O6     doub N N 106 
G   C6    N1     sing N N 107 
G   N1    C2     sing N N 108 
G   N1    H1     sing N N 109 
G   C2    N2     sing N N 110 
G   C2    N3     doub N N 111 
G   N2    H21    sing N N 112 
G   N2    H22    sing N N 113 
G   N3    C4     sing N N 114 
HOH O     H1     sing N N 115 
HOH O     H2     sing N N 116 
U   OP3   P      sing N N 117 
U   OP3   HOP3   sing N N 118 
U   P     OP1    doub N N 119 
U   P     OP2    sing N N 120 
U   P     "O5'"  sing N N 121 
U   OP2   HOP2   sing N N 122 
U   "O5'" "C5'"  sing N N 123 
U   "C5'" "C4'"  sing N N 124 
U   "C5'" "H5'"  sing N N 125 
U   "C5'" "H5''" sing N N 126 
U   "C4'" "O4'"  sing N N 127 
U   "C4'" "C3'"  sing N N 128 
U   "C4'" "H4'"  sing N N 129 
U   "O4'" "C1'"  sing N N 130 
U   "C3'" "O3'"  sing N N 131 
U   "C3'" "C2'"  sing N N 132 
U   "C3'" "H3'"  sing N N 133 
U   "O3'" "HO3'" sing N N 134 
U   "C2'" "O2'"  sing N N 135 
U   "C2'" "C1'"  sing N N 136 
U   "C2'" "H2'"  sing N N 137 
U   "O2'" "HO2'" sing N N 138 
U   "C1'" N1     sing N N 139 
U   "C1'" "H1'"  sing N N 140 
U   N1    C2     sing N N 141 
U   N1    C6     sing N N 142 
U   C2    O2     doub N N 143 
U   C2    N3     sing N N 144 
U   N3    C4     sing N N 145 
U   N3    H3     sing N N 146 
U   C4    O4     doub N N 147 
U   C4    C5     sing N N 148 
U   C5    C6     doub N N 149 
U   C5    H5     sing N N 150 
U   C6    H6     sing N N 151 
# 
loop_
_ndb_struct_conf_na.entry_id 
_ndb_struct_conf_na.feature 
332D 'a-form double helix'  
332D 'mismatched base pair' 
# 
loop_
_ndb_struct_na_base_pair.model_number 
_ndb_struct_na_base_pair.i_label_asym_id 
_ndb_struct_na_base_pair.i_label_comp_id 
_ndb_struct_na_base_pair.i_label_seq_id 
_ndb_struct_na_base_pair.i_symmetry 
_ndb_struct_na_base_pair.j_label_asym_id 
_ndb_struct_na_base_pair.j_label_comp_id 
_ndb_struct_na_base_pair.j_label_seq_id 
_ndb_struct_na_base_pair.j_symmetry 
_ndb_struct_na_base_pair.shear 
_ndb_struct_na_base_pair.stretch 
_ndb_struct_na_base_pair.stagger 
_ndb_struct_na_base_pair.buckle 
_ndb_struct_na_base_pair.propeller 
_ndb_struct_na_base_pair.opening 
_ndb_struct_na_base_pair.pair_number 
_ndb_struct_na_base_pair.pair_name 
_ndb_struct_na_base_pair.i_auth_asym_id 
_ndb_struct_na_base_pair.i_auth_seq_id 
_ndb_struct_na_base_pair.i_PDB_ins_code 
_ndb_struct_na_base_pair.j_auth_asym_id 
_ndb_struct_na_base_pair.j_auth_seq_id 
_ndb_struct_na_base_pair.j_PDB_ins_code 
_ndb_struct_na_base_pair.hbond_type_28 
_ndb_struct_na_base_pair.hbond_type_12 
1 A G  3 1_555 B DC 8 1_555 -0.263 -0.109 0.278  -0.368 -10.709 -0.966 1 A_G3:DC16_B A 3 ? B 16 ? 19 1 
1 A U  4 1_555 B A  7 1_555 -0.060 -0.080 0.280  -1.167 -5.821  -1.132 2 A_U4:A15_B  A 4 ? B 15 ? 20 1 
1 A G  5 1_555 B U  6 1_555 -2.199 -0.381 -0.042 -2.397 -10.630 1.523  3 A_G5:U14_B  A 5 ? B 14 ? 28 1 
1 A U  6 1_555 B G  5 1_555 2.375  -0.494 -0.079 5.723  -14.088 -2.376 4 A_U6:G13_B  A 6 ? B 13 ? 28 ? 
1 A A  7 1_555 B U  4 1_555 -0.143 -0.080 0.232  1.484  -11.740 2.578  5 A_A7:U12_B  A 7 ? B 12 ? 20 1 
1 A DC 8 1_555 B G  3 1_555 0.233  -0.137 0.147  7.580  -11.520 -0.314 6 A_DC8:G11_B A 8 ? B 11 ? 19 1 
# 
loop_
_ndb_struct_na_base_pair_step.model_number 
_ndb_struct_na_base_pair_step.i_label_asym_id_1 
_ndb_struct_na_base_pair_step.i_label_comp_id_1 
_ndb_struct_na_base_pair_step.i_label_seq_id_1 
_ndb_struct_na_base_pair_step.i_symmetry_1 
_ndb_struct_na_base_pair_step.j_label_asym_id_1 
_ndb_struct_na_base_pair_step.j_label_comp_id_1 
_ndb_struct_na_base_pair_step.j_label_seq_id_1 
_ndb_struct_na_base_pair_step.j_symmetry_1 
_ndb_struct_na_base_pair_step.i_label_asym_id_2 
_ndb_struct_na_base_pair_step.i_label_comp_id_2 
_ndb_struct_na_base_pair_step.i_label_seq_id_2 
_ndb_struct_na_base_pair_step.i_symmetry_2 
_ndb_struct_na_base_pair_step.j_label_asym_id_2 
_ndb_struct_na_base_pair_step.j_label_comp_id_2 
_ndb_struct_na_base_pair_step.j_label_seq_id_2 
_ndb_struct_na_base_pair_step.j_symmetry_2 
_ndb_struct_na_base_pair_step.shift 
_ndb_struct_na_base_pair_step.slide 
_ndb_struct_na_base_pair_step.rise 
_ndb_struct_na_base_pair_step.tilt 
_ndb_struct_na_base_pair_step.roll 
_ndb_struct_na_base_pair_step.twist 
_ndb_struct_na_base_pair_step.x_displacement 
_ndb_struct_na_base_pair_step.y_displacement 
_ndb_struct_na_base_pair_step.helical_rise 
_ndb_struct_na_base_pair_step.inclination 
_ndb_struct_na_base_pair_step.tip 
_ndb_struct_na_base_pair_step.helical_twist 
_ndb_struct_na_base_pair_step.step_number 
_ndb_struct_na_base_pair_step.step_name 
_ndb_struct_na_base_pair_step.i_auth_asym_id_1 
_ndb_struct_na_base_pair_step.i_auth_seq_id_1 
_ndb_struct_na_base_pair_step.i_PDB_ins_code_1 
_ndb_struct_na_base_pair_step.j_auth_asym_id_1 
_ndb_struct_na_base_pair_step.j_auth_seq_id_1 
_ndb_struct_na_base_pair_step.j_PDB_ins_code_1 
_ndb_struct_na_base_pair_step.i_auth_asym_id_2 
_ndb_struct_na_base_pair_step.i_auth_seq_id_2 
_ndb_struct_na_base_pair_step.i_PDB_ins_code_2 
_ndb_struct_na_base_pair_step.j_auth_asym_id_2 
_ndb_struct_na_base_pair_step.j_auth_seq_id_2 
_ndb_struct_na_base_pair_step.j_PDB_ins_code_2 
1 A G 3 1_555 B DC 8 1_555 A U  4 1_555 B A 7 1_555 -0.157 -1.279 3.457 -1.560 9.859 32.084 -3.836 0.016  2.950 17.321 2.740   
33.562 1 AA_G3U4:A15DC16_BB A 3 ? B 16 ? A 4 ? B 15 ? 
1 A U 4 1_555 B A  7 1_555 A G  5 1_555 B U 6 1_555 2.012  -1.941 3.290 4.051  9.204 18.527 -8.923 -3.915 2.441 26.230 -11.546 
21.059 2 AA_U4G5:U14A15_BB  A 4 ? B 15 ? A 5 ? B 14 ? 
1 A G 5 1_555 B U  6 1_555 A U  6 1_555 B G 5 1_555 -0.089 -1.153 3.204 0.433  0.715 50.283 -1.407 0.135  3.188 0.842  -0.509  
50.289 3 AA_G5U6:G13U14_BB  A 5 ? B 14 ? A 6 ? B 13 ? 
1 A U 6 1_555 B G  5 1_555 A A  7 1_555 B U 4 1_555 -0.754 -2.136 3.293 -2.394 9.018 19.983 -8.645 1.161  2.205 24.346 6.463   
22.034 4 AA_U6A7:U12G13_BB  A 6 ? B 13 ? A 7 ? B 12 ? 
1 A A 7 1_555 B U  4 1_555 A DC 8 1_555 B G 3 1_555 -0.459 -1.023 3.190 -1.447 8.550 33.351 -2.982 0.564  2.865 14.594 2.469   
34.429 5 AA_A7DC8:G11U12_BB A 7 ? B 12 ? A 8 ? B 11 ? 
# 
_pdbx_initial_refinement_model.accession_code   315D 
_pdbx_initial_refinement_model.id               1 
_pdbx_initial_refinement_model.entity_id_list   ? 
_pdbx_initial_refinement_model.type             'experimental model' 
_pdbx_initial_refinement_model.source_name      PDB 
_pdbx_initial_refinement_model.details          AHH077 
# 
_atom_sites.entry_id                    332D 
_atom_sites.fract_transf_matrix[1][1]   -0.00806316 
_atom_sites.fract_transf_matrix[1][2]   -0.01509054 
_atom_sites.fract_transf_matrix[1][3]   0.02252700 
_atom_sites.fract_transf_matrix[2][1]   0.00078400 
_atom_sites.fract_transf_matrix[2][2]   0.01157842 
_atom_sites.fract_transf_matrix[2][3]   0.02579799 
_atom_sites.fract_transf_matrix[3][1]   -0.01419504 
_atom_sites.fract_transf_matrix[3][2]   0.00492739 
_atom_sites.fract_transf_matrix[3][3]   -0.00178008 
_atom_sites.fract_transf_vector[1]      0.979560 
_atom_sites.fract_transf_vector[2]      0.359956 
_atom_sites.fract_transf_vector[3]      -0.041214 
# 
loop_
_atom_type.symbol 
C 
N 
O 
P 
# 
loop_
_atom_site.group_PDB 
_atom_site.id 
_atom_site.type_symbol 
_atom_site.label_atom_id 
_atom_site.label_alt_id 
_atom_site.label_comp_id 
_atom_site.label_asym_id 
_atom_site.label_entity_id 
_atom_site.label_seq_id 
_atom_site.pdbx_PDB_ins_code 
_atom_site.Cartn_x 
_atom_site.Cartn_y 
_atom_site.Cartn_z 
_atom_site.occupancy 
_atom_site.B_iso_or_equiv 
_atom_site.pdbx_formal_charge 
_atom_site.auth_seq_id 
_atom_site.auth_comp_id 
_atom_site.auth_asym_id 
_atom_site.auth_atom_id 
_atom_site.pdbx_PDB_model_num 
ATOM   1   O "O5'" . G   A 1 1 ? -10.494 -6.124  -1.293  1.00 29.42 ? 1  G   A "O5'" 1 
ATOM   2   C "C5'" . G   A 1 1 ? -11.390 -7.178  -1.654  1.00 25.67 ? 1  G   A "C5'" 1 
ATOM   3   C "C4'" . G   A 1 1 ? -11.799 -7.025  -3.096  1.00 24.13 ? 1  G   A "C4'" 1 
ATOM   4   O "O4'" . G   A 1 1 ? -12.869 -6.047  -3.197  1.00 23.86 ? 1  G   A "O4'" 1 
ATOM   5   C "C3'" . G   A 1 1 ? -10.711 -6.487  -4.017  1.00 21.93 ? 1  G   A "C3'" 1 
ATOM   6   O "O3'" . G   A 1 1 ? -9.857  -7.529  -4.472  1.00 19.64 ? 1  G   A "O3'" 1 
ATOM   7   C "C2'" . G   A 1 1 ? -11.527 -5.884  -5.155  1.00 22.18 ? 1  G   A "C2'" 1 
ATOM   8   O "O2'" . G   A 1 1 ? -11.992 -6.837  -6.085  1.00 22.19 ? 1  G   A "O2'" 1 
ATOM   9   C "C1'" . G   A 1 1 ? -12.715 -5.296  -4.394  1.00 21.83 ? 1  G   A "C1'" 1 
ATOM   10  N N9    . G   A 1 1 ? -12.503 -3.902  -4.032  1.00 18.54 ? 1  G   A N9    1 
ATOM   11  C C8    . G   A 1 1 ? -12.369 -3.387  -2.766  1.00 17.96 ? 1  G   A C8    1 
ATOM   12  N N7    . G   A 1 1 ? -12.200 -2.094  -2.755  1.00 18.23 ? 1  G   A N7    1 
ATOM   13  C C5    . G   A 1 1 ? -12.218 -1.734  -4.096  1.00 17.17 ? 1  G   A C5    1 
ATOM   14  C C6    . G   A 1 1 ? -12.090 -0.467  -4.700  1.00 15.25 ? 1  G   A C6    1 
ATOM   15  O O6    . G   A 1 1 ? -11.939 0.615   -4.156  1.00 15.04 ? 1  G   A O6    1 
ATOM   16  N N1    . G   A 1 1 ? -12.163 -0.547  -6.091  1.00 15.08 ? 1  G   A N1    1 
ATOM   17  C C2    . G   A 1 1 ? -12.348 -1.707  -6.805  1.00 16.78 ? 1  G   A C2    1 
ATOM   18  N N2    . G   A 1 1 ? -12.418 -1.579  -8.143  1.00 14.87 ? 1  G   A N2    1 
ATOM   19  N N3    . G   A 1 1 ? -12.466 -2.903  -6.245  1.00 16.30 ? 1  G   A N3    1 
ATOM   20  C C4    . G   A 1 1 ? -12.396 -2.842  -4.896  1.00 17.87 ? 1  G   A C4    1 
ATOM   21  P P     . U   A 1 2 ? -8.266  -7.306  -4.487  1.00 19.59 ? 2  U   A P     1 
ATOM   22  O OP1   . U   A 1 2 ? -7.634  -8.521  -5.039  1.00 20.04 ? 2  U   A OP1   1 
ATOM   23  O OP2   . U   A 1 2 ? -7.832  -6.793  -3.167  1.00 20.94 ? 2  U   A OP2   1 
ATOM   24  O "O5'" . U   A 1 2 ? -8.048  -6.147  -5.556  1.00 19.95 ? 2  U   A "O5'" 1 
ATOM   25  C "C5'" . U   A 1 2 ? -8.310  -6.366  -6.953  1.00 15.95 ? 2  U   A "C5'" 1 
ATOM   26  C "C4'" . U   A 1 2 ? -8.299  -5.050  -7.690  1.00 15.91 ? 2  U   A "C4'" 1 
ATOM   27  O "O4'" . U   A 1 2 ? -9.319  -4.175  -7.135  1.00 15.44 ? 2  U   A "O4'" 1 
ATOM   28  C "C3'" . U   A 1 2 ? -7.017  -4.239  -7.574  1.00 14.68 ? 2  U   A "C3'" 1 
ATOM   29  O "O3'" . U   A 1 2 ? -6.066  -4.678  -8.532  1.00 14.66 ? 2  U   A "O3'" 1 
ATOM   30  C "C2'" . U   A 1 2 ? -7.505  -2.835  -7.888  1.00 14.48 ? 2  U   A "C2'" 1 
ATOM   31  O "O2'" . U   A 1 2 ? -7.686  -2.619  -9.271  1.00 14.76 ? 2  U   A "O2'" 1 
ATOM   32  C "C1'" . U   A 1 2 ? -8.870  -2.827  -7.192  1.00 14.48 ? 2  U   A "C1'" 1 
ATOM   33  N N1    . U   A 1 2 ? -8.819  -2.300  -5.821  1.00 16.37 ? 2  U   A N1    1 
ATOM   34  C C2    . U   A 1 2 ? -8.791  -0.933  -5.659  1.00 16.02 ? 2  U   A C2    1 
ATOM   35  O O2    . U   A 1 2 ? -8.786  -0.146  -6.605  1.00 13.00 ? 2  U   A O2    1 
ATOM   36  N N3    . U   A 1 2 ? -8.768  -0.516  -4.348  1.00 16.66 ? 2  U   A N3    1 
ATOM   37  C C4    . U   A 1 2 ? -8.767  -1.310  -3.217  1.00 17.51 ? 2  U   A C4    1 
ATOM   38  O O4    . U   A 1 2 ? -8.766  -0.778  -2.096  1.00 18.70 ? 2  U   A O4    1 
ATOM   39  C C5    . U   A 1 2 ? -8.786  -2.707  -3.475  1.00 16.53 ? 2  U   A C5    1 
ATOM   40  C C6    . U   A 1 2 ? -8.808  -3.145  -4.735  1.00 16.94 ? 2  U   A C6    1 
ATOM   41  P P     . G   A 1 3 ? -4.526  -4.276  -8.370  1.00 16.36 ? 3  G   A P     1 
ATOM   42  O OP1   . G   A 1 3 ? -3.729  -5.195  -9.219  1.00 18.57 ? 3  G   A OP1   1 
ATOM   43  O OP2   . G   A 1 3 ? -4.168  -4.128  -6.936  1.00 15.71 ? 3  G   A OP2   1 
ATOM   44  O "O5'" . G   A 1 3 ? -4.451  -2.834  -9.048  1.00 16.63 ? 3  G   A "O5'" 1 
ATOM   45  C "C5'" . G   A 1 3 ? -4.520  -2.688  -10.479 1.00 13.61 ? 3  G   A "C5'" 1 
ATOM   46  C "C4'" . G   A 1 3 ? -4.302  -1.251  -10.868 1.00 10.17 ? 3  G   A "C4'" 1 
ATOM   47  O "O4'" . G   A 1 3 ? -5.323  -0.435  -10.241 1.00 11.95 ? 3  G   A "O4'" 1 
ATOM   48  C "C3'" . G   A 1 3 ? -3.002  -0.637  -10.385 1.00 10.50 ? 3  G   A "C3'" 1 
ATOM   49  O "O3'" . G   A 1 3 ? -1.925  -0.960  -11.248 1.00 9.64  ? 3  G   A "O3'" 1 
ATOM   50  C "C2'" . G   A 1 3 ? -3.337  0.850   -10.419 1.00 10.81 ? 3  G   A "C2'" 1 
ATOM   51  O "O2'" . G   A 1 3 ? -3.409  1.382   -11.728 1.00 11.78 ? 3  G   A "O2'" 1 
ATOM   52  C "C1'" . G   A 1 3 ? -4.765  0.826   -9.888  1.00 12.46 ? 3  G   A "C1'" 1 
ATOM   53  N N9    . G   A 1 3 ? -4.852  0.996   -8.441  1.00 9.89  ? 3  G   A N9    1 
ATOM   54  C C8    . G   A 1 3 ? -5.056  0.028   -7.483  1.00 12.12 ? 3  G   A C8    1 
ATOM   55  N N7    . G   A 1 3 ? -5.141  0.513   -6.271  1.00 10.40 ? 3  G   A N7    1 
ATOM   56  C C5    . G   A 1 3 ? -4.975  1.882   -6.434  1.00 11.99 ? 3  G   A C5    1 
ATOM   57  C C6    . G   A 1 3 ? -5.006  2.936   -5.481  1.00 12.49 ? 3  G   A C6    1 
ATOM   58  O O6    . G   A 1 3 ? -5.229  2.868   -4.266  1.00 10.17 ? 3  G   A O6    1 
ATOM   59  N N1    . G   A 1 3 ? -4.768  4.177   -6.080  1.00 12.58 ? 3  G   A N1    1 
ATOM   60  C C2    . G   A 1 3 ? -4.556  4.373   -7.429  1.00 13.44 ? 3  G   A C2    1 
ATOM   61  N N2    . G   A 1 3 ? -4.332  5.637   -7.823  1.00 11.97 ? 3  G   A N2    1 
ATOM   62  N N3    . G   A 1 3 ? -4.558  3.401   -8.329  1.00 10.42 ? 3  G   A N3    1 
ATOM   63  C C4    . G   A 1 3 ? -4.767  2.195   -7.767  1.00 12.04 ? 3  G   A C4    1 
ATOM   64  P P     . U   A 1 4 ? -0.467  -1.157  -10.655 1.00 11.56 ? 4  U   A P     1 
ATOM   65  O OP1   . U   A 1 4 ? 0.411   -1.702  -11.718 1.00 13.25 ? 4  U   A OP1   1 
ATOM   66  O OP2   . U   A 1 4 ? -0.519  -1.848  -9.341  1.00 14.71 ? 4  U   A OP2   1 
ATOM   67  O "O5'" . U   A 1 4 ? 0.038   0.325   -10.385 1.00 11.52 ? 4  U   A "O5'" 1 
ATOM   68  C "C5'" . U   A 1 4 ? 0.070   1.283   -11.451 1.00 11.30 ? 4  U   A "C5'" 1 
ATOM   69  C "C4'" . U   A 1 4 ? 0.449   2.634   -10.906 1.00 10.82 ? 4  U   A "C4'" 1 
ATOM   70  O "O4'" . U   A 1 4 ? -0.645  3.173   -10.122 1.00 12.38 ? 4  U   A "O4'" 1 
ATOM   71  C "C3'" . U   A 1 4 ? 1.617   2.589   -9.946  1.00 12.28 ? 4  U   A "C3'" 1 
ATOM   72  O "O3'" . U   A 1 4 ? 2.806   2.600   -10.696 1.00 14.88 ? 4  U   A "O3'" 1 
ATOM   73  C "C2'" . U   A 1 4 ? 1.409   3.853   -9.118  1.00 12.07 ? 4  U   A "C2'" 1 
ATOM   74  O "O2'" . U   A 1 4 ? 1.862   5.031   -9.742  1.00 14.73 ? 4  U   A "O2'" 1 
ATOM   75  C "C1'" . U   A 1 4 ? -0.118  3.907   -9.028  1.00 12.41 ? 4  U   A "C1'" 1 
ATOM   76  N N1    . U   A 1 4 ? -0.650  3.337   -7.780  1.00 11.44 ? 4  U   A N1    1 
ATOM   77  C C2    . U   A 1 4 ? -0.742  4.190   -6.691  1.00 13.07 ? 4  U   A C2    1 
ATOM   78  O O2    . U   A 1 4 ? -0.402  5.365   -6.751  1.00 9.65  ? 4  U   A O2    1 
ATOM   79  N N3    . U   A 1 4 ? -1.239  3.613   -5.540  1.00 9.71  ? 4  U   A N3    1 
ATOM   80  C C4    . U   A 1 4 ? -1.640  2.296   -5.373  1.00 12.66 ? 4  U   A C4    1 
ATOM   81  O O4    . U   A 1 4 ? -2.056  1.920   -4.274  1.00 11.10 ? 4  U   A O4    1 
ATOM   82  C C5    . U   A 1 4 ? -1.514  1.478   -6.547  1.00 11.47 ? 4  U   A C5    1 
ATOM   83  C C6    . U   A 1 4 ? -1.036  2.014   -7.685  1.00 12.88 ? 4  U   A C6    1 
ATOM   84  P P     . G   A 1 5 ? 4.170   2.109   -10.037 1.00 17.50 ? 5  G   A P     1 
ATOM   85  O OP1   . G   A 1 5 ? 5.267   2.346   -11.021 1.00 21.76 ? 5  G   A OP1   1 
ATOM   86  O OP2   . G   A 1 5 ? 4.012   0.783   -9.448  1.00 19.15 ? 5  G   A OP2   1 
ATOM   87  O "O5'" . G   A 1 5 ? 4.359   3.157   -8.865  1.00 21.12 ? 5  G   A "O5'" 1 
ATOM   88  C "C5'" . G   A 1 5 ? 4.749   2.740   -7.568  1.00 19.85 ? 5  G   A "C5'" 1 
ATOM   89  C "C4'" . G   A 1 5 ? 4.499   3.868   -6.615  1.00 20.69 ? 5  G   A "C4'" 1 
ATOM   90  O "O4'" . G   A 1 5 ? 3.074   3.983   -6.352  1.00 21.49 ? 5  G   A "O4'" 1 
ATOM   91  C "C3'" . G   A 1 5 ? 5.098   3.737   -5.238  1.00 18.19 ? 5  G   A "C3'" 1 
ATOM   92  O "O3'" . G   A 1 5 ? 6.469   4.056   -5.321  1.00 14.60 ? 5  G   A "O3'" 1 
ATOM   93  C "C2'" . G   A 1 5 ? 4.290   4.790   -4.492  1.00 19.31 ? 5  G   A "C2'" 1 
ATOM   94  O "O2'" . G   A 1 5 ? 4.687   6.088   -4.860  1.00 19.17 ? 5  G   A "O2'" 1 
ATOM   95  C "C1'" . G   A 1 5 ? 2.891   4.548   -5.066  1.00 19.34 ? 5  G   A "C1'" 1 
ATOM   96  N N9    . G   A 1 5 ? 2.150   3.610   -4.227  1.00 18.75 ? 5  G   A N9    1 
ATOM   97  C C8    . G   A 1 5 ? 1.785   2.311   -4.483  1.00 16.88 ? 5  G   A C8    1 
ATOM   98  N N7    . G   A 1 5 ? 1.146   1.754   -3.484  1.00 17.27 ? 5  G   A N7    1 
ATOM   99  C C5    . G   A 1 5 ? 1.087   2.758   -2.519  1.00 16.08 ? 5  G   A C5    1 
ATOM   100 C C6    . G   A 1 5 ? 0.512   2.768   -1.207  1.00 14.43 ? 5  G   A C6    1 
ATOM   101 O O6    . G   A 1 5 ? -0.080  1.868   -0.616  1.00 13.94 ? 5  G   A O6    1 
ATOM   102 N N1    . G   A 1 5 ? 0.692   4.001   -0.582  1.00 12.32 ? 5  G   A N1    1 
ATOM   103 C C2    . G   A 1 5 ? 1.336   5.082   -1.133  1.00 14.68 ? 5  G   A C2    1 
ATOM   104 N N2    . G   A 1 5 ? 1.423   6.186   -0.380  1.00 13.54 ? 5  G   A N2    1 
ATOM   105 N N3    . G   A 1 5 ? 1.863   5.085   -2.337  1.00 14.71 ? 5  G   A N3    1 
ATOM   106 C C4    . G   A 1 5 ? 1.701   3.902   -2.968  1.00 17.27 ? 5  G   A C4    1 
ATOM   107 P P     . U   A 1 6 ? 7.525   3.242   -4.446  1.00 15.36 ? 6  U   A P     1 
ATOM   108 O OP1   . U   A 1 6 ? 8.890   3.668   -4.838  1.00 18.33 ? 6  U   A OP1   1 
ATOM   109 O OP2   . U   A 1 6 ? 7.185   1.806   -4.477  1.00 16.57 ? 6  U   A OP2   1 
ATOM   110 O "O5'" . U   A 1 6 ? 7.246   3.798   -2.981  1.00 17.70 ? 6  U   A "O5'" 1 
ATOM   111 C "C5'" . U   A 1 6 ? 7.365   5.204   -2.705  1.00 14.19 ? 6  U   A "C5'" 1 
ATOM   112 C "C4'" . U   A 1 6 ? 6.674   5.533   -1.403  1.00 12.47 ? 6  U   A "C4'" 1 
ATOM   113 O "O4'" . U   A 1 6 ? 5.268   5.143   -1.482  1.00 14.26 ? 6  U   A "O4'" 1 
ATOM   114 C "C3'" . U   A 1 6 ? 7.194   4.768   -0.200  1.00 13.69 ? 6  U   A "C3'" 1 
ATOM   115 O "O3'" . U   A 1 6 ? 8.330   5.413   0.369   1.00 11.49 ? 6  U   A "O3'" 1 
ATOM   116 C "C2'" . U   A 1 6 ? 6.005   4.820   0.751   1.00 13.93 ? 6  U   A "C2'" 1 
ATOM   117 O "O2'" . U   A 1 6 ? 5.889   6.066   1.382   1.00 17.85 ? 6  U   A "O2'" 1 
ATOM   118 C "C1'" . U   A 1 6 ? 4.827   4.671   -0.216  1.00 14.97 ? 6  U   A "C1'" 1 
ATOM   119 N N1    . U   A 1 6 ? 4.365   3.281   -0.371  1.00 15.13 ? 6  U   A N1    1 
ATOM   120 C C2    . U   A 1 6 ? 3.513   2.772   0.601   1.00 16.44 ? 6  U   A C2    1 
ATOM   121 O O2    . U   A 1 6 ? 3.170   3.418   1.573   1.00 13.39 ? 6  U   A O2    1 
ATOM   122 N N3    . U   A 1 6 ? 3.088   1.472   0.380   1.00 14.52 ? 6  U   A N3    1 
ATOM   123 C C4    . U   A 1 6 ? 3.443   0.645   -0.691  1.00 17.62 ? 6  U   A C4    1 
ATOM   124 O O4    . U   A 1 6 ? 3.021   -0.510  -0.731  1.00 16.65 ? 6  U   A O4    1 
ATOM   125 C C5    . U   A 1 6 ? 4.332   1.243   -1.632  1.00 16.11 ? 6  U   A C5    1 
ATOM   126 C C6    . U   A 1 6 ? 4.750   2.501   -1.455  1.00 14.94 ? 6  U   A C6    1 
ATOM   127 P P     . A   A 1 7 ? 9.335   4.570   1.270   1.00 15.48 ? 7  A   A P     1 
ATOM   128 O OP1   . A   A 1 7 ? 10.617  5.282   1.380   1.00 16.70 ? 7  A   A OP1   1 
ATOM   129 O OP2   . A   A 1 7 ? 9.326   3.166   0.795   1.00 17.22 ? 7  A   A OP2   1 
ATOM   130 O "O5'" . A   A 1 7 ? 8.627   4.548   2.698   1.00 15.73 ? 7  A   A "O5'" 1 
ATOM   131 C "C5'" . A   A 1 7 ? 8.457   5.744   3.464   1.00 12.85 ? 7  A   A "C5'" 1 
ATOM   132 C "C4'" . A   A 1 7 ? 7.775   5.436   4.772   1.00 11.10 ? 7  A   A "C4'" 1 
ATOM   133 O "O4'" . A   A 1 7 ? 6.446   4.940   4.498   1.00 12.30 ? 7  A   A "O4'" 1 
ATOM   134 C "C3'" . A   A 1 7 ? 8.424   4.340   5.604   1.00 12.93 ? 7  A   A "C3'" 1 
ATOM   135 O "O3'" . A   A 1 7 ? 9.478   4.885   6.397   1.00 11.92 ? 7  A   A "O3'" 1 
ATOM   136 C "C2'" . A   A 1 7 ? 7.254   3.883   6.466   1.00 13.74 ? 7  A   A "C2'" 1 
ATOM   137 O "O2'" . A   A 1 7 ? 6.952   4.795   7.508   1.00 11.70 ? 7  A   A "O2'" 1 
ATOM   138 C "C1'" . A   A 1 7 ? 6.098   3.953   5.463   1.00 14.84 ? 7  A   A "C1'" 1 
ATOM   139 N N9    . A   A 1 7 ? 5.817   2.698   4.764   1.00 13.10 ? 7  A   A N9    1 
ATOM   140 C C8    . A   A 1 7 ? 6.206   2.332   3.498   1.00 15.48 ? 7  A   A C8    1 
ATOM   141 N N7    . A   A 1 7 ? 5.753   1.161   3.120   1.00 12.75 ? 7  A   A N7    1 
ATOM   142 C C5    . A   A 1 7 ? 5.026   0.717   4.216   1.00 14.10 ? 7  A   A C5    1 
ATOM   143 C C6    . A   A 1 7 ? 4.283   -0.460  4.447   1.00 13.96 ? 7  A   A C6    1 
ATOM   144 N N6    . A   A 1 7 ? 4.150   -1.440  3.547   1.00 14.45 ? 7  A   A N6    1 
ATOM   145 N N1    . A   A 1 7 ? 3.682   -0.595  5.648   1.00 13.48 ? 7  A   A N1    1 
ATOM   146 C C2    . A   A 1 7 ? 3.824   0.393   6.558   1.00 14.69 ? 7  A   A C2    1 
ATOM   147 N N3    . A   A 1 7 ? 4.495   1.545   6.456   1.00 11.89 ? 7  A   A N3    1 
ATOM   148 C C4    . A   A 1 7 ? 5.074   1.646   5.246   1.00 14.56 ? 7  A   A C4    1 
ATOM   149 P P     . DC  A 1 8 ? 10.772  4.014   6.728   1.00 13.93 ? 8  DC  A P     1 
ATOM   150 O OP1   . DC  A 1 8 ? 11.776  4.975   7.268   1.00 16.78 ? 8  DC  A OP1   1 
ATOM   151 O OP2   . DC  A 1 8 ? 11.157  3.111   5.619   1.00 13.89 ? 8  DC  A OP2   1 
ATOM   152 O "O5'" . DC  A 1 8 ? 10.315  3.088   7.952   1.00 12.60 ? 8  DC  A "O5'" 1 
ATOM   153 C "C5'" . DC  A 1 8 ? 9.757   3.691   9.143   1.00 12.81 ? 8  DC  A "C5'" 1 
ATOM   154 C "C4'" . DC  A 1 8 ? 9.100   2.647   10.015  1.00 12.08 ? 8  DC  A "C4'" 1 
ATOM   155 O "O4'" . DC  A 1 8 ? 7.949   2.110   9.323   1.00 10.78 ? 8  DC  A "O4'" 1 
ATOM   156 C "C3'" . DC  A 1 8 ? 9.988   1.459   10.369  1.00 13.99 ? 8  DC  A "C3'" 1 
ATOM   157 O "O3'" . DC  A 1 8 ? 10.812  1.512   11.531  1.00 18.19 ? 8  DC  A "O3'" 1 
ATOM   158 C "C2'" . DC  A 1 8 ? 9.121   0.230   10.183  1.00 13.05 ? 8  DC  A "C2'" 1 
ATOM   159 C "C1'" . DC  A 1 8 ? 7.810   0.717   9.580   1.00 11.90 ? 8  DC  A "C1'" 1 
ATOM   160 N N1    . DC  A 1 8 ? 7.625   0.049   8.282   1.00 10.64 ? 8  DC  A N1    1 
ATOM   161 C C2    . DC  A 1 8 ? 6.843   -1.109  8.214   1.00 10.82 ? 8  DC  A C2    1 
ATOM   162 O O2    . DC  A 1 8 ? 6.290   -1.519  9.240   1.00 8.04  ? 8  DC  A O2    1 
ATOM   163 N N3    . DC  A 1 8 ? 6.708   -1.748  7.024   1.00 8.73  ? 8  DC  A N3    1 
ATOM   164 C C4    . DC  A 1 8 ? 7.323   -1.266  5.934   1.00 12.28 ? 8  DC  A C4    1 
ATOM   165 N N4    . DC  A 1 8 ? 7.183   -1.938  4.786   1.00 10.07 ? 8  DC  A N4    1 
ATOM   166 C C5    . DC  A 1 8 ? 8.115   -0.078  5.974   1.00 11.21 ? 8  DC  A C5    1 
ATOM   167 C C6    . DC  A 1 8 ? 8.235   0.542   7.157   1.00 12.22 ? 8  DC  A C6    1 
ATOM   168 O "O5'" . G   B 1 1 ? 6.416   -10.392 -4.358  1.00 23.54 ? 9  G   B "O5'" 1 
ATOM   169 C "C5'" . G   B 1 1 ? 6.240   -11.774 -4.704  1.00 17.67 ? 9  G   B "C5'" 1 
ATOM   170 C "C4'" . G   B 1 1 ? 6.497   -12.676 -3.518  1.00 13.14 ? 9  G   B "C4'" 1 
ATOM   171 O "O4'" . G   B 1 1 ? 7.899   -12.620 -3.130  1.00 14.16 ? 9  G   B "O4'" 1 
ATOM   172 C "C3'" . G   B 1 1 ? 5.741   -12.317 -2.251  1.00 11.98 ? 9  G   B "C3'" 1 
ATOM   173 O "O3'" . G   B 1 1 ? 4.460   -12.894 -2.279  1.00 10.88 ? 9  G   B "O3'" 1 
ATOM   174 C "C2'" . G   B 1 1 ? 6.586   -12.997 -1.193  1.00 13.07 ? 9  G   B "C2'" 1 
ATOM   175 O "O2'" . G   B 1 1 ? 6.328   -14.387 -1.143  1.00 14.44 ? 9  G   B "O2'" 1 
ATOM   176 C "C1'" . G   B 1 1 ? 8.001   -12.745 -1.715  1.00 14.74 ? 9  G   B "C1'" 1 
ATOM   177 N N9    . G   B 1 1 ? 8.573   -11.511 -1.173  1.00 14.07 ? 9  G   B N9    1 
ATOM   178 C C8    . G   B 1 1 ? 8.927   -10.381 -1.871  1.00 14.12 ? 9  G   B C8    1 
ATOM   179 N N7    . G   B 1 1 ? 9.402   -9.433  -1.108  1.00 13.32 ? 9  G   B N7    1 
ATOM   180 C C5    . G   B 1 1 ? 9.357   -9.966  0.175   1.00 13.48 ? 9  G   B C5    1 
ATOM   181 C C6    . G   B 1 1 ? 9.730   -9.397  1.432   1.00 14.14 ? 9  G   B C6    1 
ATOM   182 O O6    . G   B 1 1 ? 10.170  -8.268  1.664   1.00 13.71 ? 9  G   B O6    1 
ATOM   183 N N1    . G   B 1 1 ? 9.526   -10.288 2.483   1.00 10.71 ? 9  G   B N1    1 
ATOM   184 C C2    . G   B 1 1 ? 9.014   -11.556 2.355   1.00 14.08 ? 9  G   B C2    1 
ATOM   185 N N2    . G   B 1 1 ? 8.873   -12.265 3.504   1.00 10.76 ? 9  G   B N2    1 
ATOM   186 N N3    . G   B 1 1 ? 8.657   -12.093 1.196   1.00 12.82 ? 9  G   B N3    1 
ATOM   187 C C4    . G   B 1 1 ? 8.855   -11.249 0.157   1.00 15.08 ? 9  G   B C4    1 
ATOM   188 P P     . U   B 1 2 ? 3.187   -12.057 -1.785  1.00 14.58 ? 10 U   B P     1 
ATOM   189 O OP1   . U   B 1 2 ? 1.968   -12.861 -2.028  1.00 13.83 ? 10 U   B OP1   1 
ATOM   190 O OP2   . U   B 1 2 ? 3.287   -10.691 -2.331  1.00 15.75 ? 10 U   B OP2   1 
ATOM   191 O "O5'" . U   B 1 2 ? 3.378   -11.921 -0.208  1.00 14.65 ? 10 U   B "O5'" 1 
ATOM   192 C "C5'" . U   B 1 2 ? 3.288   -13.050 0.660   1.00 12.71 ? 10 U   B "C5'" 1 
ATOM   193 C "C4'" . U   B 1 2 ? 3.777   -12.676 2.037   1.00 11.81 ? 10 U   B "C4'" 1 
ATOM   194 O "O4'" . U   B 1 2 ? 5.164   -12.259 1.939   1.00 13.40 ? 10 U   B "O4'" 1 
ATOM   195 C "C3'" . U   B 1 2 ? 3.065   -11.496 2.685   1.00 11.61 ? 10 U   B "C3'" 1 
ATOM   196 O "O3'" . U   B 1 2 ? 1.884   -11.952 3.344   1.00 12.03 ? 10 U   B "O3'" 1 
ATOM   197 C "C2'" . U   B 1 2 ? 4.124   -10.999 3.668   1.00 12.35 ? 10 U   B "C2'" 1 
ATOM   198 O "O2'" . U   B 1 2 ? 4.192   -11.786 4.842   1.00 14.28 ? 10 U   B "O2'" 1 
ATOM   199 C "C1'" . U   B 1 2 ? 5.413   -11.205 2.861   1.00 13.57 ? 10 U   B "C1'" 1 
ATOM   200 N N1    . U   B 1 2 ? 5.824   -10.004 2.112   1.00 13.65 ? 10 U   B N1    1 
ATOM   201 C C2    . U   B 1 2 ? 6.385   -8.974  2.837   1.00 14.51 ? 10 U   B C2    1 
ATOM   202 O O2    . U   B 1 2 ? 6.597   -9.049  4.037   1.00 9.80  ? 10 U   B O2    1 
ATOM   203 N N3    . U   B 1 2 ? 6.702   -7.855  2.101   1.00 14.43 ? 10 U   B N3    1 
ATOM   204 C C4    . U   B 1 2 ? 6.553   -7.681  0.740   1.00 16.62 ? 10 U   B C4    1 
ATOM   205 O O4    . U   B 1 2 ? 6.905   -6.612  0.217   1.00 16.88 ? 10 U   B O4    1 
ATOM   206 C C5    . U   B 1 2 ? 5.985   -8.802  0.061   1.00 14.25 ? 10 U   B C5    1 
ATOM   207 C C6    . U   B 1 2 ? 5.645   -9.896  0.755   1.00 12.96 ? 10 U   B C6    1 
ATOM   208 P P     . G   B 1 3 ? 0.700   -10.921 3.702   1.00 14.25 ? 11 G   B P     1 
ATOM   209 O OP1   . G   B 1 3 ? -0.568  -11.676 3.860   1.00 14.98 ? 11 G   B OP1   1 
ATOM   210 O OP2   . G   B 1 3 ? 0.744   -9.748  2.785   1.00 16.03 ? 11 G   B OP2   1 
ATOM   211 O "O5'" . G   B 1 3 ? 1.093   -10.354 5.139   1.00 14.45 ? 11 G   B "O5'" 1 
ATOM   212 C "C5'" . G   B 1 3 ? 1.121   -11.199 6.302   1.00 12.51 ? 11 G   B "C5'" 1 
ATOM   213 C "C4'" . G   B 1 3 ? 1.519   -10.390 7.517   1.00 10.26 ? 11 G   B "C4'" 1 
ATOM   214 O "O4'" . G   B 1 3 ? 2.918   -9.992  7.433   1.00 9.65  ? 11 G   B "O4'" 1 
ATOM   215 C "C3'" . G   B 1 3 ? 0.764   -9.086  7.702   1.00 10.25 ? 11 G   B "C3'" 1 
ATOM   216 O "O3'" . G   B 1 3 ? -0.480  -9.341  8.327   1.00 9.25  ? 11 G   B "O3'" 1 
ATOM   217 C "C2'" . G   B 1 3 ? 1.721   -8.320  8.608   1.00 11.31 ? 11 G   B "C2'" 1 
ATOM   218 O "O2'" . G   B 1 3 ? 1.680   -8.782  9.940   1.00 12.22 ? 11 G   B "O2'" 1 
ATOM   219 C "C1'" . G   B 1 3 ? 3.075   -8.705  8.011   1.00 10.70 ? 11 G   B "C1'" 1 
ATOM   220 N N9    . G   B 1 3 ? 3.516   -7.780  6.965   1.00 13.20 ? 11 G   B N9    1 
ATOM   221 C C8    . G   B 1 3 ? 3.463   -7.969  5.600   1.00 10.75 ? 11 G   B C8    1 
ATOM   222 N N7    . G   B 1 3 ? 3.943   -6.957  4.925   1.00 10.91 ? 11 G   B N7    1 
ATOM   223 C C5    . G   B 1 3 ? 4.340   -6.050  5.905   1.00 12.68 ? 11 G   B C5    1 
ATOM   224 C C6    . G   B 1 3 ? 4.948   -4.762  5.793   1.00 12.68 ? 11 G   B C6    1 
ATOM   225 O O6    . G   B 1 3 ? 5.288   -4.146  4.773   1.00 9.02  ? 11 G   B O6    1 
ATOM   226 N N1    . G   B 1 3 ? 5.157   -4.191  7.049   1.00 11.69 ? 11 G   B N1    1 
ATOM   227 C C2    . G   B 1 3 ? 4.834   -4.775  8.248   1.00 10.24 ? 11 G   B C2    1 
ATOM   228 N N2    . G   B 1 3 ? 5.087   -4.065  9.341   1.00 12.35 ? 11 G   B N2    1 
ATOM   229 N N3    . G   B 1 3 ? 4.292   -5.965  8.363   1.00 12.75 ? 11 G   B N3    1 
ATOM   230 C C4    . G   B 1 3 ? 4.071   -6.542  7.165   1.00 12.16 ? 11 G   B C4    1 
ATOM   231 P P     . U   B 1 4 ? -1.784  -8.520  7.909   1.00 11.78 ? 12 U   B P     1 
ATOM   232 O OP1   . U   B 1 4 ? -2.913  -9.152  8.642   1.00 12.24 ? 12 U   B OP1   1 
ATOM   233 O OP2   . U   B 1 4 ? -1.887  -8.330  6.433   1.00 13.13 ? 12 U   B OP2   1 
ATOM   234 O "O5'" . U   B 1 4 ? -1.586  -7.078  8.568   1.00 12.77 ? 12 U   B "O5'" 1 
ATOM   235 C "C5'" . U   B 1 4 ? -1.493  -6.924  9.994   1.00 10.72 ? 12 U   B "C5'" 1 
ATOM   236 C "C4'" . U   B 1 4 ? -0.953  -5.558  10.326  1.00 12.23 ? 12 U   B "C4'" 1 
ATOM   237 O "O4'" . U   B 1 4 ? 0.392   -5.423  9.797   1.00 12.86 ? 12 U   B "O4'" 1 
ATOM   238 C "C3'" . U   B 1 4 ? -1.708  -4.406  9.693   1.00 11.34 ? 12 U   B "C3'" 1 
ATOM   239 O "O3'" . U   B 1 4 ? -2.856  -4.115  10.476  1.00 12.45 ? 12 U   B "O3'" 1 
ATOM   240 C "C2'" . U   B 1 4 ? -0.672  -3.293  9.762   1.00 14.79 ? 12 U   B "C2'" 1 
ATOM   241 O "O2'" . U   B 1 4 ? -0.596  -2.750  11.064  1.00 13.99 ? 12 U   B "O2'" 1 
ATOM   242 C "C1'" . U   B 1 4 ? 0.619   -4.061  9.451   1.00 14.69 ? 12 U   B "C1'" 1 
ATOM   243 N N1    . U   B 1 4 ? 1.000   -3.992  8.030   1.00 15.28 ? 12 U   B N1    1 
ATOM   244 C C2    . U   B 1 4 ? 1.766   -2.907  7.630   1.00 16.01 ? 12 U   B C2    1 
ATOM   245 O O2    . U   B 1 4 ? 2.149   -2.059  8.408   1.00 14.06 ? 12 U   B O2    1 
ATOM   246 N N3    . U   B 1 4 ? 2.064   -2.860  6.290   1.00 16.35 ? 12 U   B N3    1 
ATOM   247 C C4    . U   B 1 4 ? 1.686   -3.769  5.323   1.00 17.21 ? 12 U   B C4    1 
ATOM   248 O O4    . U   B 1 4 ? 1.887   -3.503  4.137   1.00 15.56 ? 12 U   B O4    1 
ATOM   249 C C5    . U   B 1 4 ? 0.920   -4.884  5.818   1.00 16.24 ? 12 U   B C5    1 
ATOM   250 C C6    . U   B 1 4 ? 0.608   -4.953  7.119   1.00 16.38 ? 12 U   B C6    1 
ATOM   251 P P     . G   B 1 5 ? -3.968  -3.123  9.919   1.00 13.11 ? 13 G   B P     1 
ATOM   252 O OP1   . G   B 1 5 ? -5.035  -2.944  10.931  1.00 15.86 ? 13 G   B OP1   1 
ATOM   253 O OP2   . G   B 1 5 ? -4.355  -3.493  8.532   1.00 13.02 ? 13 G   B OP2   1 
ATOM   254 O "O5'" . G   B 1 5 ? -3.145  -1.769  9.855   1.00 15.39 ? 13 G   B "O5'" 1 
ATOM   255 C "C5'" . G   B 1 5 ? -3.568  -0.676  9.054   1.00 12.18 ? 13 G   B "C5'" 1 
ATOM   256 C "C4'" . G   B 1 5 ? -2.551  0.422   9.170   1.00 6.96  ? 13 G   B "C4'" 1 
ATOM   257 O "O4'" . G   B 1 5 ? -1.248  -0.099  8.800   1.00 9.83  ? 13 G   B "O4'" 1 
ATOM   258 C "C3'" . G   B 1 5 ? -2.751  1.608   8.250   1.00 7.30  ? 13 G   B "C3'" 1 
ATOM   259 O "O3'" . G   B 1 5 ? -3.693  2.497   8.817   1.00 8.07  ? 13 G   B "O3'" 1 
ATOM   260 C "C2'" . G   B 1 5 ? -1.350  2.197   8.240   1.00 10.48 ? 13 G   B "C2'" 1 
ATOM   261 O "O2'" . G   B 1 5 ? -1.077  2.873   9.455   1.00 11.63 ? 13 G   B "O2'" 1 
ATOM   262 C "C1'" . G   B 1 5 ? -0.496  0.928   8.171   1.00 10.74 ? 13 G   B "C1'" 1 
ATOM   263 N N9    . G   B 1 5 ? -0.192  0.525   6.795   1.00 11.72 ? 13 G   B N9    1 
ATOM   264 C C8    . G   B 1 5 ? -0.590  -0.615  6.133   1.00 12.68 ? 13 G   B C8    1 
ATOM   265 N N7    . G   B 1 5 ? -0.170  -0.667  4.894   1.00 11.41 ? 13 G   B N7    1 
ATOM   266 C C5    . G   B 1 5 ? 0.552   0.509   4.729   1.00 13.90 ? 13 G   B C5    1 
ATOM   267 C C6    . G   B 1 5 ? 1.244   1.025   3.587   1.00 13.15 ? 13 G   B C6    1 
ATOM   268 O O6    . G   B 1 5 ? 1.351   0.526   2.459   1.00 14.09 ? 13 G   B O6    1 
ATOM   269 N N1    . G   B 1 5 ? 1.848   2.250   3.865   1.00 11.53 ? 13 G   B N1    1 
ATOM   270 C C2    . G   B 1 5 ? 1.798   2.901   5.081   1.00 14.72 ? 13 G   B C2    1 
ATOM   271 N N2    . G   B 1 5 ? 2.469   4.067   5.170   1.00 14.03 ? 13 G   B N2    1 
ATOM   272 N N3    . G   B 1 5 ? 1.146   2.440   6.144   1.00 13.72 ? 13 G   B N3    1 
ATOM   273 C C4    . G   B 1 5 ? 0.556   1.253   5.899   1.00 12.79 ? 13 G   B C4    1 
ATOM   274 P P     . U   B 1 6 ? -4.754  3.239   7.884   1.00 10.45 ? 14 U   B P     1 
ATOM   275 O OP1   . U   B 1 6 ? -5.677  4.027   8.707   1.00 10.25 ? 14 U   B OP1   1 
ATOM   276 O OP2   . U   B 1 6 ? -5.304  2.235   6.947   1.00 11.86 ? 14 U   B OP2   1 
ATOM   277 O "O5'" . U   B 1 6 ? -3.859  4.195   6.968   1.00 10.28 ? 14 U   B "O5'" 1 
ATOM   278 C "C5'" . U   B 1 6 ? -3.145  5.301   7.505   1.00 8.98  ? 14 U   B "C5'" 1 
ATOM   279 C "C4'" . U   B 1 6 ? -2.246  5.872   6.445   1.00 7.69  ? 14 U   B "C4'" 1 
ATOM   280 O "O4'" . U   B 1 6 ? -1.314  4.851   6.001   1.00 9.15  ? 14 U   B "O4'" 1 
ATOM   281 C "C3'" . U   B 1 6 ? -2.957  6.323   5.176   1.00 8.02  ? 14 U   B "C3'" 1 
ATOM   282 O "O3'" . U   B 1 6 ? -3.461  7.631   5.389   1.00 8.03  ? 14 U   B "O3'" 1 
ATOM   283 C "C2'" . U   B 1 6 ? -1.827  6.271   4.154   1.00 8.86  ? 14 U   B "C2'" 1 
ATOM   284 O "O2'" . U   B 1 6 ? -0.947  7.371   4.285   1.00 11.09 ? 14 U   B "O2'" 1 
ATOM   285 C "C1'" . U   B 1 6 ? -1.072  5.011   4.606   1.00 11.47 ? 14 U   B "C1'" 1 
ATOM   286 N N1    . U   B 1 6 ? -1.465  3.772   3.910   1.00 12.17 ? 14 U   B N1    1 
ATOM   287 C C2    . U   B 1 6 ? -0.912  3.543   2.659   1.00 10.90 ? 14 U   B C2    1 
ATOM   288 O O2    . U   B 1 6 ? -0.166  4.328   2.118   1.00 10.52 ? 14 U   B O2    1 
ATOM   289 N N3    . U   B 1 6 ? -1.287  2.362   2.066   1.00 11.30 ? 14 U   B N3    1 
ATOM   290 C C4    . U   B 1 6 ? -2.158  1.419   2.570   1.00 14.00 ? 14 U   B C4    1 
ATOM   291 O O4    . U   B 1 6 ? -2.429  0.426   1.888   1.00 16.20 ? 14 U   B O4    1 
ATOM   292 C C5    . U   B 1 6 ? -2.701  1.730   3.863   1.00 12.80 ? 14 U   B C5    1 
ATOM   293 C C6    . U   B 1 6 ? -2.343  2.867   4.474   1.00 11.09 ? 14 U   B C6    1 
ATOM   294 P P     . A   B 1 7 ? -4.509  8.276   4.369   1.00 11.53 ? 15 A   B P     1 
ATOM   295 O OP1   . A   B 1 7 ? -5.137  9.447   5.042   1.00 12.06 ? 15 A   B OP1   1 
ATOM   296 O OP2   . A   B 1 7 ? -5.380  7.236   3.780   1.00 11.40 ? 15 A   B OP2   1 
ATOM   297 O "O5'" . A   B 1 7 ? -3.591  8.815   3.180   1.00 11.34 ? 15 A   B "O5'" 1 
ATOM   298 C "C5'" . A   B 1 7 ? -2.728  9.960   3.349   1.00 11.22 ? 15 A   B "C5'" 1 
ATOM   299 C "C4'" . A   B 1 7 ? -2.151  10.373  2.010   1.00 9.10  ? 15 A   B "C4'" 1 
ATOM   300 O "O4'" . A   B 1 7 ? -1.242  9.336   1.528   1.00 9.58  ? 15 A   B "O4'" 1 
ATOM   301 C "C3'" . A   B 1 7 ? -3.167  10.526  0.883   1.00 7.74  ? 15 A   B "C3'" 1 
ATOM   302 O "O3'" . A   B 1 7 ? -3.784  11.808  0.912   1.00 6.77  ? 15 A   B "O3'" 1 
ATOM   303 C "C2'" . A   B 1 7 ? -2.277  10.351  -0.340  1.00 9.93  ? 15 A   B "C2'" 1 
ATOM   304 O "O2'" . A   B 1 7 ? -1.461  11.491  -0.553  1.00 9.40  ? 15 A   B "O2'" 1 
ATOM   305 C "C1'" . A   B 1 7 ? -1.372  9.208   0.120   1.00 10.17 ? 15 A   B "C1'" 1 
ATOM   306 N N9    . A   B 1 7 ? -1.898  7.874   -0.164  1.00 11.78 ? 15 A   B N9    1 
ATOM   307 C C8    . A   B 1 7 ? -2.579  7.032   0.688   1.00 10.99 ? 15 A   B C8    1 
ATOM   308 N N7    . A   B 1 7 ? -2.835  5.849   0.176   1.00 8.86  ? 15 A   B N7    1 
ATOM   309 C C5    . A   B 1 7 ? -2.309  5.921   -1.109  1.00 11.61 ? 15 A   B C5    1 
ATOM   310 C C6    . A   B 1 7 ? -2.231  4.984   -2.158  1.00 11.30 ? 15 A   B C6    1 
ATOM   311 N N6    . A   B 1 7 ? -2.687  3.729   -2.069  1.00 8.13  ? 15 A   B N6    1 
ATOM   312 N N1    . A   B 1 7 ? -1.642  5.382   -3.308  1.00 9.06  ? 15 A   B N1    1 
ATOM   313 C C2    . A   B 1 7 ? -1.182  6.633   -3.398  1.00 8.20  ? 15 A   B C2    1 
ATOM   314 N N3    . A   B 1 7 ? -1.196  7.604   -2.488  1.00 8.02  ? 15 A   B N3    1 
ATOM   315 C C4    . A   B 1 7 ? -1.766  7.177   -1.348  1.00 11.67 ? 15 A   B C4    1 
ATOM   316 P P     . DC  B 1 8 ? -5.293  11.993  0.423   1.00 8.56  ? 16 DC  B P     1 
ATOM   317 O OP1   . DC  B 1 8 ? -5.671  13.419  0.669   1.00 9.81  ? 16 DC  B OP1   1 
ATOM   318 O OP2   . DC  B 1 8 ? -6.175  10.922  0.936   1.00 9.93  ? 16 DC  B OP2   1 
ATOM   319 O "O5'" . DC  B 1 8 ? -5.239  11.805  -1.168  1.00 8.16  ? 16 DC  B "O5'" 1 
ATOM   320 C "C5'" . DC  B 1 8 ? -4.440  12.691  -1.971  1.00 9.05  ? 16 DC  B "C5'" 1 
ATOM   321 C "C4'" . DC  B 1 8 ? -4.365  12.201  -3.398  1.00 8.44  ? 16 DC  B "C4'" 1 
ATOM   322 O "O4'" . DC  B 1 8 ? -3.704  10.910  -3.418  1.00 8.50  ? 16 DC  B "O4'" 1 
ATOM   323 C "C3'" . DC  B 1 8 ? -5.705  11.989  -4.093  1.00 8.09  ? 16 DC  B "C3'" 1 
ATOM   324 O "O3'" . DC  B 1 8 ? -6.569  13.038  -4.531  1.00 11.27 ? 16 DC  B "O3'" 1 
ATOM   325 C "C2'" . DC  B 1 8 ? -5.482  10.790  -4.999  1.00 9.49  ? 16 DC  B "C2'" 1 
ATOM   326 C "C1'" . DC  B 1 8 ? -4.219  10.110  -4.491  1.00 8.75  ? 16 DC  B "C1'" 1 
ATOM   327 N N1    . DC  B 1 8 ? -4.613  8.798   -3.926  1.00 10.71 ? 16 DC  B N1    1 
ATOM   328 C C2    . DC  B 1 8 ? -4.590  7.654   -4.757  1.00 12.09 ? 16 DC  B C2    1 
ATOM   329 O O2    . DC  B 1 8 ? -4.211  7.758   -5.934  1.00 10.59 ? 16 DC  B O2    1 
ATOM   330 N N3    . DC  B 1 8 ? -4.987  6.467   -4.247  1.00 9.91  ? 16 DC  B N3    1 
ATOM   331 C C4    . DC  B 1 8 ? -5.399  6.377   -2.979  1.00 11.21 ? 16 DC  B C4    1 
ATOM   332 N N4    . DC  B 1 8 ? -5.781  5.173   -2.542  1.00 8.58  ? 16 DC  B N4    1 
ATOM   333 C C5    . DC  B 1 8 ? -5.435  7.513   -2.113  1.00 8.98  ? 16 DC  B C5    1 
ATOM   334 C C6    . DC  B 1 8 ? -5.031  8.694   -2.621  1.00 10.96 ? 16 DC  B C6    1 
HETATM 335 O O     . HOH C 2 . ? -11.244 0.251   -10.264 1.00 9.55  ? 18 HOH A O     1 
HETATM 336 O O     . HOH C 2 . ? 1.046   7.386   2.208   1.00 10.07 ? 19 HOH A O     1 
HETATM 337 O O     . HOH C 2 . ? -8.389  0.008   -9.857  1.00 13.17 ? 20 HOH A O     1 
HETATM 338 O O     . HOH C 2 . ? 4.213   0.933   -13.199 1.00 22.71 ? 21 HOH A O     1 
HETATM 339 O O     . HOH C 2 . ? 9.839   1.645   3.304   1.00 25.77 ? 24 HOH A O     1 
HETATM 340 O O     . HOH C 2 . ? -1.997  -1.885  -6.717  1.00 21.93 ? 27 HOH A O     1 
HETATM 341 O O     . HOH C 2 . ? -1.241  1.014   -14.507 1.00 29.67 ? 30 HOH A O     1 
HETATM 342 O O     . HOH C 2 . ? -12.511 -3.915  -10.255 1.00 30.35 ? 33 HOH A O     1 
HETATM 343 O O     . HOH C 2 . ? 8.723   -0.827  2.452   1.00 19.33 ? 34 HOH A O     1 
HETATM 344 O O     . HOH C 2 . ? 12.674  5.179   3.434   1.00 39.64 ? 35 HOH A O     1 
HETATM 345 O O     . HOH C 2 . ? -1.164  -4.809  -10.381 1.00 29.11 ? 37 HOH A O     1 
HETATM 346 O O     . HOH C 2 . ? -4.993  -5.668  -12.302 1.00 38.72 ? 38 HOH A O     1 
HETATM 347 O O     . HOH C 2 . ? -9.816  3.122   -12.363 1.00 30.94 ? 39 HOH A O     1 
HETATM 348 O O     . HOH C 2 . ? 4.327   3.468   8.182   1.00 21.06 ? 40 HOH A O     1 
HETATM 349 O O     . HOH C 2 . ? -2.544  -1.396  -1.931  1.00 17.96 ? 41 HOH A O     1 
HETATM 350 O O     . HOH C 2 . ? -11.612 -0.693  -0.550  1.00 42.84 ? 43 HOH A O     1 
HETATM 351 O O     . HOH C 2 . ? 0.436   -0.481  -3.229  1.00 33.98 ? 44 HOH A O     1 
HETATM 352 O O     . HOH C 2 . ? 9.356   8.479   1.052   1.00 33.95 ? 46 HOH A O     1 
HETATM 353 O O     . HOH C 2 . ? 2.087   -0.952  -6.969  1.00 34.31 ? 48 HOH A O     1 
HETATM 354 O O     . HOH C 2 . ? -2.406  -2.811  0.017   1.00 40.94 ? 49 HOH A O     1 
HETATM 355 O O     . HOH C 2 . ? -5.556  2.686   -12.586 1.00 29.74 ? 51 HOH A O     1 
HETATM 356 O O     . HOH C 2 . ? 4.068   6.293   -9.507  1.00 20.79 ? 52 HOH A O     1 
HETATM 357 O O     . HOH C 2 . ? 5.356   7.875   -7.639  1.00 36.84 ? 53 HOH A O     1 
HETATM 358 O O     . HOH C 2 . ? -0.067  -0.767  -0.023  1.00 28.72 ? 57 HOH A O     1 
HETATM 359 O O     . HOH C 2 . ? -5.323  -2.349  -4.878  1.00 26.56 ? 62 HOH A O     1 
HETATM 360 O O     . HOH C 2 . ? -2.494  -0.737  -4.237  1.00 30.17 ? 63 HOH A O     1 
HETATM 361 O O     . HOH C 2 . ? -7.319  1.030   -12.348 1.00 31.17 ? 64 HOH A O     1 
HETATM 362 O O     . HOH C 2 . ? -7.815  -3.789  -11.542 1.00 40.59 ? 65 HOH A O     1 
HETATM 363 O O     . HOH C 2 . ? -6.054  0.953   -2.575  1.00 28.55 ? 66 HOH A O     1 
HETATM 364 O O     . HOH C 2 . ? -5.622  -5.099  -3.182  1.00 40.90 ? 70 HOH A O     1 
HETATM 365 O O     . HOH C 2 . ? 7.227   0.833   0.703   1.00 39.16 ? 78 HOH A O     1 
HETATM 366 O O     . HOH C 2 . ? 12.003  -0.226  5.761   1.00 38.75 ? 79 HOH A O     1 
HETATM 367 O O     . HOH C 2 . ? 13.361  7.101   5.619   1.00 35.08 ? 80 HOH A O     1 
HETATM 368 O O     . HOH C 2 . ? 13.313  1.480   6.835   1.00 40.17 ? 81 HOH A O     1 
HETATM 369 O O     . HOH C 2 . ? 7.757   7.420   8.642   1.00 29.18 ? 82 HOH A O     1 
HETATM 370 O O     . HOH C 2 . ? 10.604  -1.357  -2.930  1.00 36.94 ? 83 HOH A O     1 
HETATM 371 O O     . HOH C 2 . ? 11.218  -0.623  -0.267  1.00 33.38 ? 84 HOH A O     1 
HETATM 372 O O     . HOH C 2 . ? 1.338   7.491   -7.524  1.00 31.43 ? 85 HOH A O     1 
HETATM 373 O O     . HOH C 2 . ? 6.498   4.086   -9.226  1.00 33.25 ? 86 HOH A O     1 
HETATM 374 O O     . HOH C 2 . ? 1.372   1.629   -14.762 1.00 33.58 ? 87 HOH A O     1 
HETATM 375 O O     . HOH D 2 . ? 3.504   5.968   3.388   1.00 12.09 ? 17 HOH B O     1 
HETATM 376 O O     . HOH D 2 . ? -2.258  -2.625  13.232  0.33 16.42 ? 22 HOH B O     1 
HETATM 377 O O     . HOH D 2 . ? -1.703  8.508   -7.119  1.00 20.83 ? 23 HOH B O     1 
HETATM 378 O O     . HOH D 2 . ? -6.522  7.968   1.186   1.00 17.59 ? 25 HOH B O     1 
HETATM 379 O O     . HOH D 2 . ? -4.743  14.228  3.020   1.00 17.28 ? 26 HOH B O     1 
HETATM 380 O O     . HOH D 2 . ? -5.533  -5.892  8.139   1.00 17.77 ? 28 HOH B O     1 
HETATM 381 O O     . HOH D 2 . ? -6.910  5.313   0.394   1.00 18.06 ? 29 HOH B O     1 
HETATM 382 O O     . HOH D 2 . ? -1.781  12.250  -6.397  0.33 19.67 ? 31 HOH B O     1 
HETATM 383 O O     . HOH D 2 . ? -7.527  2.588   -1.313  1.00 28.48 ? 32 HOH B O     1 
HETATM 384 O O     . HOH D 2 . ? 4.937   -4.702  2.126   1.00 23.25 ? 36 HOH B O     1 
HETATM 385 O O     . HOH D 2 . ? -4.609  2.391   -0.354  1.00 25.21 ? 42 HOH B O     1 
HETATM 386 O O     . HOH D 2 . ? -7.029  13.913  -7.034  0.33 26.29 ? 45 HOH B O     1 
HETATM 387 O O     . HOH D 2 . ? -0.022  -2.819  0.641   1.00 15.56 ? 47 HOH B O     1 
HETATM 388 O O     . HOH D 2 . ? -4.556  4.668   2.033   1.00 25.84 ? 50 HOH B O     1 
HETATM 389 O O     . HOH D 2 . ? -0.571  -7.420  4.231   1.00 25.01 ? 54 HOH B O     1 
HETATM 390 O O     . HOH D 2 . ? -2.359  -3.528  6.402   1.00 25.14 ? 55 HOH B O     1 
HETATM 391 O O     . HOH D 2 . ? -1.576  -2.450  2.684   1.00 31.23 ? 56 HOH B O     1 
HETATM 392 O O     . HOH D 2 . ? -7.601  10.557  3.594   1.00 39.86 ? 58 HOH B O     1 
HETATM 393 O O     . HOH D 2 . ? -8.726  13.166  -2.611  1.00 24.17 ? 59 HOH B O     1 
HETATM 394 O O     . HOH D 2 . ? -8.713  10.552  -1.499  1.00 42.32 ? 60 HOH B O     1 
HETATM 395 O O     . HOH D 2 . ? -0.228  10.059  -3.437  1.00 33.01 ? 61 HOH B O     1 
HETATM 396 O O     . HOH D 2 . ? -10.219 2.739   -0.630  1.00 31.67 ? 67 HOH B O     1 
HETATM 397 O O     . HOH D 2 . ? -4.907  -0.209  5.728   1.00 30.26 ? 68 HOH B O     1 
HETATM 398 O O     . HOH D 2 . ? -5.994  2.793   4.258   1.00 28.48 ? 69 HOH B O     1 
HETATM 399 O O     . HOH D 2 . ? -3.559  -5.917  5.898   1.00 45.36 ? 71 HOH B O     1 
HETATM 400 O O     . HOH D 2 . ? 3.492   -7.423  2.201   1.00 28.36 ? 72 HOH B O     1 
HETATM 401 O O     . HOH D 2 . ? 0.436   -9.269  0.133   1.00 34.85 ? 73 HOH B O     1 
HETATM 402 O O     . HOH D 2 . ? 2.182   5.197   7.907   1.00 30.88 ? 74 HOH B O     1 
HETATM 403 O O     . HOH D 2 . ? -6.076  -1.249  12.711  0.33 22.96 ? 75 HOH B O     1 
HETATM 404 O O     . HOH D 2 . ? -6.003  1.920   11.087  1.00 26.11 ? 76 HOH B O     1 
HETATM 405 O O     . HOH D 2 . ? -5.210  -1.414  2.175   1.00 32.57 ? 77 HOH B O     1 
# 
